data_4DA3
# 
_entry.id   4DA3 
# 
_audit_conform.dict_name       mmcif_pdbx.dic 
_audit_conform.dict_version    5.379 
_audit_conform.dict_location   http://mmcif.pdb.org/dictionaries/ascii/mmcif_pdbx.dic 
# 
loop_
_database_2.database_id 
_database_2.database_code 
_database_2.pdbx_database_accession 
_database_2.pdbx_DOI 
PDB   4DA3         pdb_00004da3 10.2210/pdb4da3/pdb 
NDB   NA1555       ?            ?                   
RCSB  RCSB070072   ?            ?                   
WWPDB D_1000070072 ?            ?                   
# 
loop_
_pdbx_database_related.db_name 
_pdbx_database_related.db_id 
_pdbx_database_related.details 
_pdbx_database_related.content_type 
PDB 4DAQ 'Similar naphthalene diimide compound bound to the same 21-mer human telomeric G-quadruplex.' unspecified 
PDB 3UYH 'Same naphthalene diimide compound bound to a 22-mer human telomeric G-quadruplex.'           unspecified 
PDB 3SC8 'Similar naphthalene diimide compound bound to a 22-mer human telomeric G-quadruplex.'        unspecified 
PDB 3T5E 'Similar naphthalene diimide compound bound to a 22-mer human telomeric G-quadruplex.'        unspecified 
# 
_pdbx_database_status.status_code                     REL 
_pdbx_database_status.entry_id                        4DA3 
_pdbx_database_status.recvd_initial_deposition_date   2012-01-12 
_pdbx_database_status.deposit_site                    RCSB 
_pdbx_database_status.process_site                    RCSB 
_pdbx_database_status.status_code_sf                  REL 
_pdbx_database_status.status_code_mr                  ? 
_pdbx_database_status.SG_entry                        ? 
_pdbx_database_status.status_code_cs                  ? 
_pdbx_database_status.methods_development_category    ? 
_pdbx_database_status.pdb_format_compatible           Y 
_pdbx_database_status.status_code_nmr_data            ? 
# 
loop_
_audit_author.name 
_audit_author.pdbx_ordinal 
'Collie, G.W.' 1 
'Neidle, S.'   2 
# 
_citation.id                        primary 
_citation.title                     
;Structure-based design and evaluation of naphthalene diimide g-quadruplex ligands as telomere targeting agents in pancreatic cancer cells.
;
_citation.journal_abbrev            J.Med.Chem. 
_citation.journal_volume            56 
_citation.page_first                2959 
_citation.page_last                 2974 
_citation.year                      2013 
_citation.journal_id_ASTM           JMCMAR 
_citation.country                   US 
_citation.journal_id_ISSN           0022-2623 
_citation.journal_id_CSD            0151 
_citation.book_publisher            ? 
_citation.pdbx_database_id_PubMed   23514618 
_citation.pdbx_database_id_DOI      10.1021/jm301899y 
# 
loop_
_citation_author.citation_id 
_citation_author.name 
_citation_author.ordinal 
_citation_author.identifier_ORCID 
primary 'Micco, M.'      1 ? 
primary 'Collie, G.W.'   2 ? 
primary 'Dale, A.G.'     3 ? 
primary 'Ohnmacht, S.A.' 4 ? 
primary 'Pazitna, I.'    5 ? 
primary 'Gunaratnam, M.' 6 ? 
primary 'Reszka, A.P.'   7 ? 
primary 'Neidle, S.'     8 ? 
# 
_cell.entry_id           4DA3 
_cell.length_a           51.310 
_cell.length_b           51.310 
_cell.length_c           51.940 
_cell.angle_alpha        90.00 
_cell.angle_beta         90.00 
_cell.angle_gamma        120.00 
_cell.Z_PDB              6 
_cell.pdbx_unique_axis   ? 
_cell.length_a_esd       ? 
_cell.length_b_esd       ? 
_cell.length_c_esd       ? 
_cell.angle_alpha_esd    ? 
_cell.angle_beta_esd     ? 
_cell.angle_gamma_esd    ? 
# 
_symmetry.entry_id                         4DA3 
_symmetry.space_group_name_H-M             'P 31 2 1' 
_symmetry.pdbx_full_space_group_name_H-M   ? 
_symmetry.cell_setting                     ? 
_symmetry.Int_Tables_number                152 
_symmetry.space_group_name_Hall            ? 
# 
loop_
_entity.id 
_entity.type 
_entity.src_method 
_entity.pdbx_description 
_entity.formula_weight 
_entity.pdbx_number_of_molecules 
_entity.pdbx_ec 
_entity.pdbx_mutation 
_entity.pdbx_fragment 
_entity.details 
1 polymer     syn 
;DNA (5'-D(*GP*GP*GP*TP*TP*AP*GP*GP*GP*TP*TP*AP*GP*GP*GP*TP*TP*AP*GP*GP*G)-3')
;
6670.290 1  ? ? ? ? 
2 non-polymer syn 'POTASSIUM ION' 39.098   3  ? ? ? ? 
3 non-polymer syn 
;4,9-bis{[3-(4-methylpiperazin-1-yl)propyl]amino}-2,7-bis[3-(morpholin-4-yl)propyl]benzo[lmn][3,8]phenanthroline-1,3,6,8(2H,7H)-tetrone
;
831.058  1  ? ? ? ? 
4 water       nat water 18.015   25 ? ? ? ? 
# 
_entity_poly.entity_id                      1 
_entity_poly.type                           polydeoxyribonucleotide 
_entity_poly.nstd_linkage                   no 
_entity_poly.nstd_monomer                   no 
_entity_poly.pdbx_seq_one_letter_code       
;(DG)(DG)(DG)(DT)(DT)(DA)(DG)(DG)(DG)(DT)(DT)(DA)(DG)(DG)(DG)(DT)(DT)(DA)(DG)(DG)
(DG)
;
_entity_poly.pdbx_seq_one_letter_code_can   GGGTTAGGGTTAGGGTTAGGG 
_entity_poly.pdbx_strand_id                 A 
_entity_poly.pdbx_target_identifier         ? 
# 
loop_
_entity_poly_seq.entity_id 
_entity_poly_seq.num 
_entity_poly_seq.mon_id 
_entity_poly_seq.hetero 
1 1  DG n 
1 2  DG n 
1 3  DG n 
1 4  DT n 
1 5  DT n 
1 6  DA n 
1 7  DG n 
1 8  DG n 
1 9  DG n 
1 10 DT n 
1 11 DT n 
1 12 DA n 
1 13 DG n 
1 14 DG n 
1 15 DG n 
1 16 DT n 
1 17 DT n 
1 18 DA n 
1 19 DG n 
1 20 DG n 
1 21 DG n 
# 
_pdbx_entity_src_syn.entity_id              1 
_pdbx_entity_src_syn.pdbx_src_id            1 
_pdbx_entity_src_syn.pdbx_alt_source_flag   sample 
_pdbx_entity_src_syn.pdbx_beg_seq_num       ? 
_pdbx_entity_src_syn.pdbx_end_seq_num       ? 
_pdbx_entity_src_syn.organism_scientific    'Synthetic DNA' 
_pdbx_entity_src_syn.organism_common_name   ? 
_pdbx_entity_src_syn.ncbi_taxonomy_id       32630 
_pdbx_entity_src_syn.details                'DNA synthesized by standard phosphoramidite chemistry.' 
# 
_struct_ref.id                         1 
_struct_ref.db_name                    PDB 
_struct_ref.db_code                    4DA3 
_struct_ref.pdbx_db_accession          4DA3 
_struct_ref.entity_id                  1 
_struct_ref.pdbx_align_begin           1 
_struct_ref.pdbx_seq_one_letter_code   GGGTTAGGGTTAGGGTTAGGG 
_struct_ref.pdbx_db_isoform            ? 
# 
_struct_ref_seq.align_id                      1 
_struct_ref_seq.ref_id                        1 
_struct_ref_seq.pdbx_PDB_id_code              4DA3 
_struct_ref_seq.pdbx_strand_id                A 
_struct_ref_seq.seq_align_beg                 1 
_struct_ref_seq.pdbx_seq_align_beg_ins_code   ? 
_struct_ref_seq.seq_align_end                 21 
_struct_ref_seq.pdbx_seq_align_end_ins_code   ? 
_struct_ref_seq.pdbx_db_accession             4DA3 
_struct_ref_seq.db_align_beg                  1 
_struct_ref_seq.pdbx_db_align_beg_ins_code    ? 
_struct_ref_seq.db_align_end                  21 
_struct_ref_seq.pdbx_db_align_end_ins_code    ? 
_struct_ref_seq.pdbx_auth_seq_align_beg       1 
_struct_ref_seq.pdbx_auth_seq_align_end       21 
# 
loop_
_chem_comp.id 
_chem_comp.type 
_chem_comp.mon_nstd_flag 
_chem_comp.name 
_chem_comp.pdbx_synonyms 
_chem_comp.formula 
_chem_comp.formula_weight 
0DX non-polymer   . 
;4,9-bis{[3-(4-methylpiperazin-1-yl)propyl]amino}-2,7-bis[3-(morpholin-4-yl)propyl]benzo[lmn][3,8]phenanthroline-1,3,6,8(2H,7H)-tetrone
;
? 'C44 H66 N10 O6'  831.058 
DA  'DNA linking' y "2'-DEOXYADENOSINE-5'-MONOPHOSPHATE" ? 'C10 H14 N5 O6 P' 331.222 
DG  'DNA linking' y "2'-DEOXYGUANOSINE-5'-MONOPHOSPHATE" ? 'C10 H14 N5 O7 P' 347.221 
DT  'DNA linking' y "THYMIDINE-5'-MONOPHOSPHATE" ? 'C10 H15 N2 O8 P' 322.208 
HOH non-polymer   . WATER ? 'H2 O'            18.015  
K   non-polymer   . 'POTASSIUM ION' ? 'K 1'             39.098  
# 
_exptl.entry_id          4DA3 
_exptl.method            'X-RAY DIFFRACTION' 
_exptl.crystals_number   1 
# 
_exptl_crystal.id                    1 
_exptl_crystal.density_meas          ? 
_exptl_crystal.density_Matthews      2.96 
_exptl_crystal.density_percent_sol   58.43 
_exptl_crystal.description           ? 
_exptl_crystal.F_000                 ? 
_exptl_crystal.preparation           ? 
# 
_exptl_crystal_grow.crystal_id      1 
_exptl_crystal_grow.method          'VAPOR DIFFUSION, HANGING DROP' 
_exptl_crystal_grow.temp            293 
_exptl_crystal_grow.temp_details    ? 
_exptl_crystal_grow.pH              6.5 
_exptl_crystal_grow.pdbx_details    
'15% PEG400, 150 mM sodium chloride and 50 mM sodium cacodylate (pH 6.5), VAPOR DIFFUSION, HANGING DROP, temperature 293K' 
_exptl_crystal_grow.pdbx_pH_range   ? 
# 
_diffrn.id                     1 
_diffrn.ambient_temp           100 
_diffrn.ambient_temp_details   ? 
_diffrn.crystal_id             1 
# 
_diffrn_detector.diffrn_id              1 
_diffrn_detector.detector               CCD 
_diffrn_detector.type                   'ADSC QUANTUM 315r' 
_diffrn_detector.pdbx_collection_date   2011-12-16 
_diffrn_detector.details                ? 
# 
_diffrn_radiation.diffrn_id                        1 
_diffrn_radiation.wavelength_id                    1 
_diffrn_radiation.pdbx_monochromatic_or_laue_m_l   M 
_diffrn_radiation.monochromator                    'SI 111 CHANNEL' 
_diffrn_radiation.pdbx_diffrn_protocol             'SINGLE WAVELENGTH' 
_diffrn_radiation.pdbx_scattering_type             x-ray 
# 
_diffrn_radiation_wavelength.id           1 
_diffrn_radiation_wavelength.wavelength   0.9795 
_diffrn_radiation_wavelength.wt           1.0 
# 
_diffrn_source.diffrn_id                   1 
_diffrn_source.source                      SYNCHROTRON 
_diffrn_source.type                        'DIAMOND BEAMLINE I04' 
_diffrn_source.pdbx_synchrotron_site       Diamond 
_diffrn_source.pdbx_synchrotron_beamline   I04 
_diffrn_source.pdbx_wavelength             ? 
_diffrn_source.pdbx_wavelength_list        0.9795 
# 
_reflns.entry_id                     4DA3 
_reflns.observed_criterion_sigma_I   2 
_reflns.observed_criterion_sigma_F   2 
_reflns.d_resolution_low             25.97 
_reflns.d_resolution_high            2.27 
_reflns.number_obs                   3843 
_reflns.number_all                   3843 
_reflns.percent_possible_obs         98.9 
_reflns.pdbx_Rmerge_I_obs            0.038 
_reflns.pdbx_Rsym_value              ? 
_reflns.pdbx_netI_over_sigmaI        23.9 
_reflns.B_iso_Wilson_estimate        66.213 
_reflns.pdbx_redundancy              6.7 
_reflns.R_free_details               ? 
_reflns.limit_h_max                  ? 
_reflns.limit_h_min                  ? 
_reflns.limit_k_max                  ? 
_reflns.limit_k_min                  ? 
_reflns.limit_l_max                  ? 
_reflns.limit_l_min                  ? 
_reflns.observed_criterion_F_max     ? 
_reflns.observed_criterion_F_min     ? 
_reflns.pdbx_chi_squared             ? 
_reflns.pdbx_scaling_rejects         ? 
_reflns.pdbx_ordinal                 1 
_reflns.pdbx_diffrn_id               1 
# 
_reflns_shell.d_res_high             2.27 
_reflns_shell.d_res_low              2.33 
_reflns_shell.percent_possible_all   100 
_reflns_shell.Rmerge_I_obs           0.597 
_reflns_shell.pdbx_Rsym_value        ? 
_reflns_shell.meanI_over_sigI_obs    2.3 
_reflns_shell.pdbx_redundancy        5.8 
_reflns_shell.percent_possible_obs   ? 
_reflns_shell.number_unique_all      278 
_reflns_shell.number_measured_all    ? 
_reflns_shell.number_measured_obs    ? 
_reflns_shell.number_unique_obs      ? 
_reflns_shell.pdbx_chi_squared       ? 
_reflns_shell.pdbx_ordinal           1 
_reflns_shell.pdbx_diffrn_id         1 
# 
_refine.entry_id                                 4DA3 
_refine.ls_number_reflns_obs                     3098 
_refine.ls_number_reflns_all                     ? 
_refine.pdbx_ls_sigma_I                          ? 
_refine.pdbx_ls_sigma_F                          . 
_refine.pdbx_data_cutoff_high_absF               ? 
_refine.pdbx_data_cutoff_low_absF                ? 
_refine.pdbx_data_cutoff_high_rms_absF           ? 
_refine.ls_d_res_low                             14.81 
_refine.ls_d_res_high                            2.40 
_refine.ls_percent_reflns_obs                    98.34 
_refine.ls_R_factor_obs                          0.24424 
_refine.ls_R_factor_all                          ? 
_refine.ls_R_factor_R_work                       0.24221 
_refine.ls_R_factor_R_free                       0.28202 
_refine.ls_R_factor_R_free_error                 ? 
_refine.ls_R_factor_R_free_error_details         ? 
_refine.ls_percent_reflns_R_free                 4.6 
_refine.ls_number_reflns_R_free                  151 
_refine.ls_number_parameters                     ? 
_refine.ls_number_restraints                     ? 
_refine.occupancy_min                            ? 
_refine.occupancy_max                            ? 
_refine.correlation_coeff_Fo_to_Fc               0.939 
_refine.correlation_coeff_Fo_to_Fc_free          0.921 
_refine.B_iso_mean                               39.532 
_refine.aniso_B[1][1]                            -0.01 
_refine.aniso_B[2][2]                            -0.01 
_refine.aniso_B[3][3]                            0.01 
_refine.aniso_B[1][2]                            0.00 
_refine.aniso_B[1][3]                            0.00 
_refine.aniso_B[2][3]                            0.00 
_refine.solvent_model_details                    MASK 
_refine.solvent_model_param_ksol                 ? 
_refine.solvent_model_param_bsol                 ? 
_refine.pdbx_solvent_vdw_probe_radii             1.20 
_refine.pdbx_solvent_ion_probe_radii             0.80 
_refine.pdbx_solvent_shrinkage_radii             0.80 
_refine.pdbx_ls_cross_valid_method               THROUGHOUT 
_refine.details                                  'HYDROGENS HAVE BEEN USED IF PRESENT IN THE INPUT' 
_refine.pdbx_starting_model                      'PDB ENTRY 3SC8' 
_refine.pdbx_method_to_determine_struct          'MOLECULAR REPLACEMENT' 
_refine.pdbx_isotropic_thermal_model             ? 
_refine.pdbx_stereochemistry_target_values       'MAXIMUM LIKELIHOOD' 
_refine.pdbx_stereochem_target_val_spec_case     ? 
_refine.pdbx_R_Free_selection_details            RANDOM 
_refine.pdbx_overall_ESU_R                       0.441 
_refine.pdbx_overall_ESU_R_Free                  0.287 
_refine.overall_SU_ML                            0.226 
_refine.pdbx_overall_phase_error                 ? 
_refine.overall_SU_B                             10.523 
_refine.overall_SU_R_Cruickshank_DPI             ? 
_refine.ls_redundancy_reflns_obs                 ? 
_refine.B_iso_min                                ? 
_refine.B_iso_max                                ? 
_refine.overall_SU_R_free                        ? 
_refine.ls_wR_factor_R_free                      ? 
_refine.ls_wR_factor_R_work                      ? 
_refine.overall_FOM_free_R_set                   ? 
_refine.overall_FOM_work_R_set                   ? 
_refine.pdbx_diffrn_id                           1 
_refine.pdbx_refine_id                           'X-RAY DIFFRACTION' 
_refine.pdbx_TLS_residual_ADP_flag               ? 
_refine.pdbx_overall_SU_R_free_Cruickshank_DPI   ? 
_refine.pdbx_overall_SU_R_Blow_DPI               ? 
_refine.pdbx_overall_SU_R_free_Blow_DPI          ? 
# 
_refine_hist.pdbx_refine_id                   'X-RAY DIFFRACTION' 
_refine_hist.cycle_id                         LAST 
_refine_hist.pdbx_number_atoms_protein        0 
_refine_hist.pdbx_number_atoms_nucleic_acid   444 
_refine_hist.pdbx_number_atoms_ligand         63 
_refine_hist.number_atoms_solvent             25 
_refine_hist.number_atoms_total               532 
_refine_hist.d_res_high                       2.40 
_refine_hist.d_res_low                        14.81 
# 
loop_
_refine_ls_restr.type 
_refine_ls_restr.dev_ideal 
_refine_ls_restr.dev_ideal_target 
_refine_ls_restr.weight 
_refine_ls_restr.number 
_refine_ls_restr.pdbx_restraint_function 
_refine_ls_restr.pdbx_refine_id 
r_bond_refined_d     0.008 0.012 ? 567 ? 'X-RAY DIFFRACTION' 
r_angle_refined_deg  1.727 1.505 ? 869 ? 'X-RAY DIFFRACTION' 
r_chiral_restr       0.070 0.200 ? 63  ? 'X-RAY DIFFRACTION' 
r_gen_planes_refined 0.009 0.020 ? 261 ? 'X-RAY DIFFRACTION' 
# 
_refine_ls_shell.pdbx_total_number_of_bins_used   20 
_refine_ls_shell.d_res_high                       2.400 
_refine_ls_shell.d_res_low                        2.461 
_refine_ls_shell.number_reflns_R_work             196 
_refine_ls_shell.R_factor_R_work                  0.457 
_refine_ls_shell.percent_reflns_obs               99.03 
_refine_ls_shell.R_factor_R_free                  0.571 
_refine_ls_shell.R_factor_R_free_error            ? 
_refine_ls_shell.percent_reflns_R_free            ? 
_refine_ls_shell.number_reflns_R_free             9 
_refine_ls_shell.number_reflns_all                ? 
_refine_ls_shell.R_factor_all                     ? 
_refine_ls_shell.number_reflns_obs                ? 
_refine_ls_shell.redundancy_reflns_obs            ? 
_refine_ls_shell.pdbx_refine_id                   'X-RAY DIFFRACTION' 
# 
_struct.entry_id                  4DA3 
_struct.title                     
'Crystal structure of an intramolecular human telomeric DNA G-quadruplex 21-mer bound by the naphthalene diimide compound MM41.' 
_struct.pdbx_model_details        ? 
_struct.pdbx_CASP_flag            ? 
_struct.pdbx_model_type_details   ? 
# 
_struct_keywords.entry_id        4DA3 
_struct_keywords.pdbx_keywords   DNA 
_struct_keywords.text            'intramolecular, ligand-complex, G-quadruplex, telomere, DNA' 
# 
loop_
_struct_asym.id 
_struct_asym.pdbx_blank_PDB_chainid_flag 
_struct_asym.pdbx_modified 
_struct_asym.entity_id 
_struct_asym.details 
A N N 1 ? 
B N N 2 ? 
C N N 2 ? 
D N N 2 ? 
E N N 3 ? 
F N N 4 ? 
# 
_struct_biol.id        1 
_struct_biol.details   ? 
# 
loop_
_struct_conn.id 
_struct_conn.conn_type_id 
_struct_conn.pdbx_leaving_atom_flag 
_struct_conn.pdbx_PDB_id 
_struct_conn.ptnr1_label_asym_id 
_struct_conn.ptnr1_label_comp_id 
_struct_conn.ptnr1_label_seq_id 
_struct_conn.ptnr1_label_atom_id 
_struct_conn.pdbx_ptnr1_label_alt_id 
_struct_conn.pdbx_ptnr1_PDB_ins_code 
_struct_conn.pdbx_ptnr1_standard_comp_id 
_struct_conn.ptnr1_symmetry 
_struct_conn.ptnr2_label_asym_id 
_struct_conn.ptnr2_label_comp_id 
_struct_conn.ptnr2_label_seq_id 
_struct_conn.ptnr2_label_atom_id 
_struct_conn.pdbx_ptnr2_label_alt_id 
_struct_conn.pdbx_ptnr2_PDB_ins_code 
_struct_conn.ptnr1_auth_asym_id 
_struct_conn.ptnr1_auth_comp_id 
_struct_conn.ptnr1_auth_seq_id 
_struct_conn.ptnr2_auth_asym_id 
_struct_conn.ptnr2_auth_comp_id 
_struct_conn.ptnr2_auth_seq_id 
_struct_conn.ptnr2_symmetry 
_struct_conn.pdbx_ptnr3_label_atom_id 
_struct_conn.pdbx_ptnr3_label_seq_id 
_struct_conn.pdbx_ptnr3_label_comp_id 
_struct_conn.pdbx_ptnr3_label_asym_id 
_struct_conn.pdbx_ptnr3_label_alt_id 
_struct_conn.pdbx_ptnr3_PDB_ins_code 
_struct_conn.details 
_struct_conn.pdbx_dist_value 
_struct_conn.pdbx_value_order 
_struct_conn.pdbx_role 
metalc1  metalc ? ? A DG 1  O6 ? ? ? 1_555 C K  .  K  ? ? A DG 1  A K  102 1_555 ? ? ? ? ? ? ?               2.787 ? ? 
metalc2  metalc ? ? A DG 1  O6 ? ? ? 1_555 D K  .  K  ? ? A DG 1  A K  103 1_555 ? ? ? ? ? ? ?               3.253 ? ? 
metalc3  metalc ? ? A DG 2  O6 ? ? ? 1_555 B K  .  K  ? ? A DG 2  A K  101 1_555 ? ? ? ? ? ? ?               2.874 ? ? 
metalc4  metalc ? ? A DG 2  O6 ? ? ? 1_555 C K  .  K  ? ? A DG 2  A K  102 1_555 ? ? ? ? ? ? ?               2.820 ? ? 
metalc5  metalc ? ? A DG 3  O6 ? ? ? 1_555 B K  .  K  ? ? A DG 3  A K  101 1_555 ? ? ? ? ? ? ?               2.629 ? ? 
metalc6  metalc ? ? A DG 7  O6 ? ? ? 1_555 C K  .  K  ? ? A DG 7  A K  102 1_555 ? ? ? ? ? ? ?               2.838 ? ? 
metalc7  metalc ? ? A DG 7  O6 ? ? ? 1_555 D K  .  K  ? ? A DG 7  A K  103 1_555 ? ? ? ? ? ? ?               2.671 ? ? 
metalc8  metalc ? ? A DG 8  O6 ? ? ? 1_555 B K  .  K  ? ? A DG 8  A K  101 1_555 ? ? ? ? ? ? ?               2.941 ? ? 
metalc9  metalc ? ? A DG 8  O6 ? ? ? 1_555 C K  .  K  ? ? A DG 8  A K  102 1_555 ? ? ? ? ? ? ?               2.734 ? ? 
metalc10 metalc ? ? A DG 9  O6 ? ? ? 1_555 B K  .  K  ? ? A DG 9  A K  101 1_555 ? ? ? ? ? ? ?               2.620 ? ? 
metalc11 metalc ? ? A DG 13 O6 ? ? ? 1_555 C K  .  K  ? ? A DG 13 A K  102 1_555 ? ? ? ? ? ? ?               3.358 ? ? 
metalc12 metalc ? ? A DG 13 O6 ? ? ? 1_555 D K  .  K  ? ? A DG 13 A K  103 1_555 ? ? ? ? ? ? ?               2.795 ? ? 
metalc13 metalc ? ? A DG 14 O6 ? ? ? 1_555 B K  .  K  ? ? A DG 14 A K  101 1_555 ? ? ? ? ? ? ?               3.172 ? ? 
metalc14 metalc ? ? A DG 14 O6 ? ? ? 1_555 C K  .  K  ? ? A DG 14 A K  102 1_555 ? ? ? ? ? ? ?               2.865 ? ? 
metalc15 metalc ? ? A DG 15 O6 ? ? ? 1_555 B K  .  K  ? ? A DG 15 A K  101 1_555 ? ? ? ? ? ? ?               2.751 ? ? 
metalc16 metalc ? ? A DG 19 O6 ? ? ? 1_555 C K  .  K  ? ? A DG 19 A K  102 1_555 ? ? ? ? ? ? ?               3.047 ? ? 
metalc17 metalc ? ? A DG 19 O6 ? ? ? 1_555 D K  .  K  ? ? A DG 19 A K  103 1_555 ? ? ? ? ? ? ?               3.023 ? ? 
metalc18 metalc ? ? A DG 20 O6 ? ? ? 1_555 B K  .  K  ? ? A DG 20 A K  101 1_555 ? ? ? ? ? ? ?               2.975 ? ? 
metalc19 metalc ? ? A DG 20 O6 ? ? ? 1_555 C K  .  K  ? ? A DG 20 A K  102 1_555 ? ? ? ? ? ? ?               2.709 ? ? 
metalc20 metalc ? ? A DG 21 O6 ? ? ? 1_555 B K  .  K  ? ? A DG 21 A K  101 1_555 ? ? ? ? ? ? ?               2.737 ? ? 
hydrog1  hydrog ? ? A DG 1  N1 ? ? ? 1_555 A DG 7  O6 ? ? A DG 1  A DG 7   1_555 ? ? ? ? ? ? TYPE_6_PAIR     ?     ? ? 
hydrog2  hydrog ? ? A DG 1  N2 ? ? ? 1_555 A DG 7  N7 ? ? A DG 1  A DG 7   1_555 ? ? ? ? ? ? TYPE_6_PAIR     ?     ? ? 
hydrog3  hydrog ? ? A DG 1  N7 ? ? ? 1_555 A DG 19 N2 ? ? A DG 1  A DG 19  1_555 ? ? ? ? ? ? TYPE_6_PAIR     ?     ? ? 
hydrog4  hydrog ? ? A DG 1  O6 ? ? ? 1_555 A DG 19 N1 ? ? A DG 1  A DG 19  1_555 ? ? ? ? ? ? TYPE_6_PAIR     ?     ? ? 
hydrog5  hydrog ? ? A DG 2  N1 ? ? ? 1_555 A DG 8  O6 ? ? A DG 2  A DG 8   1_555 ? ? ? ? ? ? TYPE_6_PAIR     ?     ? ? 
hydrog6  hydrog ? ? A DG 2  N2 ? ? ? 1_555 A DG 8  N7 ? ? A DG 2  A DG 8   1_555 ? ? ? ? ? ? TYPE_6_PAIR     ?     ? ? 
hydrog7  hydrog ? ? A DG 2  N7 ? ? ? 1_555 A DG 20 N2 ? ? A DG 2  A DG 20  1_555 ? ? ? ? ? ? TYPE_6_PAIR     ?     ? ? 
hydrog8  hydrog ? ? A DG 2  O6 ? ? ? 1_555 A DG 20 N1 ? ? A DG 2  A DG 20  1_555 ? ? ? ? ? ? TYPE_6_PAIR     ?     ? ? 
hydrog9  hydrog ? ? A DG 3  N1 ? ? ? 1_555 A DG 9  O6 ? ? A DG 3  A DG 9   1_555 ? ? ? ? ? ? TYPE_6_PAIR     ?     ? ? 
hydrog10 hydrog ? ? A DG 3  N2 ? ? ? 1_555 A DG 9  N7 ? ? A DG 3  A DG 9   1_555 ? ? ? ? ? ? TYPE_6_PAIR     ?     ? ? 
hydrog11 hydrog ? ? A DG 3  N7 ? ? ? 1_555 A DG 21 N2 ? ? A DG 3  A DG 21  1_555 ? ? ? ? ? ? TYPE_6_PAIR     ?     ? ? 
hydrog12 hydrog ? ? A DG 3  O6 ? ? ? 1_555 A DG 21 N1 ? ? A DG 3  A DG 21  1_555 ? ? ? ? ? ? TYPE_6_PAIR     ?     ? ? 
hydrog13 hydrog ? ? A DG 7  N1 ? ? ? 1_555 A DG 13 O6 ? ? A DG 7  A DG 13  1_555 ? ? ? ? ? ? TYPE_6_PAIR     ?     ? ? 
hydrog14 hydrog ? ? A DG 7  N2 ? ? ? 1_555 A DG 13 N7 ? ? A DG 7  A DG 13  1_555 ? ? ? ? ? ? TYPE_6_PAIR     ?     ? ? 
hydrog15 hydrog ? ? A DG 8  N1 ? ? ? 1_555 A DG 14 O6 ? ? A DG 8  A DG 14  1_555 ? ? ? ? ? ? TYPE_6_PAIR     ?     ? ? 
hydrog16 hydrog ? ? A DG 8  N2 ? ? ? 1_555 A DG 14 N7 ? ? A DG 8  A DG 14  1_555 ? ? ? ? ? ? TYPE_6_PAIR     ?     ? ? 
hydrog17 hydrog ? ? A DG 9  N1 ? ? ? 1_555 A DG 15 O6 ? ? A DG 9  A DG 15  1_555 ? ? ? ? ? ? TYPE_6_PAIR     ?     ? ? 
hydrog18 hydrog ? ? A DG 9  N2 ? ? ? 1_555 A DG 15 N7 ? ? A DG 9  A DG 15  1_555 ? ? ? ? ? ? TYPE_6_PAIR     ?     ? ? 
hydrog19 hydrog ? ? A DG 13 N1 ? ? ? 1_555 A DG 19 O6 ? ? A DG 13 A DG 19  1_555 ? ? ? ? ? ? TYPE_6_PAIR     ?     ? ? 
hydrog20 hydrog ? ? A DG 13 N2 ? ? ? 1_555 A DG 19 N7 ? ? A DG 13 A DG 19  1_555 ? ? ? ? ? ? TYPE_6_PAIR     ?     ? ? 
hydrog21 hydrog ? ? A DG 14 N1 ? ? ? 1_555 A DG 20 O6 ? ? A DG 14 A DG 20  1_555 ? ? ? ? ? ? TYPE_6_PAIR     ?     ? ? 
hydrog22 hydrog ? ? A DG 14 N2 ? ? ? 1_555 A DG 20 N7 ? ? A DG 14 A DG 20  1_555 ? ? ? ? ? ? TYPE_6_PAIR     ?     ? ? 
hydrog23 hydrog ? ? A DG 15 N2 ? ? ? 1_555 A DG 20 N7 ? ? A DG 15 A DG 20  1_555 ? ? ? ? ? ? 'DG-DG MISPAIR' ?     ? ? 
hydrog24 hydrog ? ? A DG 15 N1 ? ? ? 1_555 A DG 21 O6 ? ? A DG 15 A DG 21  1_555 ? ? ? ? ? ? TYPE_6_PAIR     ?     ? ? 
hydrog25 hydrog ? ? A DG 15 N2 ? ? ? 1_555 A DG 21 N7 ? ? A DG 15 A DG 21  1_555 ? ? ? ? ? ? TYPE_6_PAIR     ?     ? ? 
# 
loop_
_struct_conn_type.id 
_struct_conn_type.criteria 
_struct_conn_type.reference 
metalc ? ? 
hydrog ? ? 
# 
loop_
_struct_site.id 
_struct_site.pdbx_evidence_code 
_struct_site.pdbx_auth_asym_id 
_struct_site.pdbx_auth_comp_id 
_struct_site.pdbx_auth_seq_id 
_struct_site.pdbx_auth_ins_code 
_struct_site.pdbx_num_residues 
_struct_site.details 
AC1 Software A K   101 ? 9  'BINDING SITE FOR RESIDUE K A 101'   
AC2 Software A K   102 ? 11 'BINDING SITE FOR RESIDUE K A 102'   
AC3 Software A K   103 ? 10 'BINDING SITE FOR RESIDUE K A 103'   
AC4 Software A 0DX 104 ? 11 'BINDING SITE FOR RESIDUE 0DX A 104' 
# 
loop_
_struct_site_gen.id 
_struct_site_gen.site_id 
_struct_site_gen.pdbx_num_res 
_struct_site_gen.label_comp_id 
_struct_site_gen.label_asym_id 
_struct_site_gen.label_seq_id 
_struct_site_gen.pdbx_auth_ins_code 
_struct_site_gen.auth_comp_id 
_struct_site_gen.auth_asym_id 
_struct_site_gen.auth_seq_id 
_struct_site_gen.label_atom_id 
_struct_site_gen.label_alt_id 
_struct_site_gen.symmetry 
_struct_site_gen.details 
1  AC1 9  DG  A 2  ? DG  A 2   . ? 1_555 ? 
2  AC1 9  DG  A 3  ? DG  A 3   . ? 1_555 ? 
3  AC1 9  DG  A 8  ? DG  A 8   . ? 1_555 ? 
4  AC1 9  DG  A 9  ? DG  A 9   . ? 1_555 ? 
5  AC1 9  DG  A 14 ? DG  A 14  . ? 1_555 ? 
6  AC1 9  DG  A 15 ? DG  A 15  . ? 1_555 ? 
7  AC1 9  DG  A 20 ? DG  A 20  . ? 1_555 ? 
8  AC1 9  DG  A 21 ? DG  A 21  . ? 1_555 ? 
9  AC1 9  K   C .  ? K   A 102 . ? 1_555 ? 
10 AC2 11 DG  A 1  ? DG  A 1   . ? 1_555 ? 
11 AC2 11 DG  A 2  ? DG  A 2   . ? 1_555 ? 
12 AC2 11 DG  A 7  ? DG  A 7   . ? 1_555 ? 
13 AC2 11 DG  A 8  ? DG  A 8   . ? 1_555 ? 
14 AC2 11 DG  A 13 ? DG  A 13  . ? 1_555 ? 
15 AC2 11 DG  A 14 ? DG  A 14  . ? 1_555 ? 
16 AC2 11 DG  A 19 ? DG  A 19  . ? 1_555 ? 
17 AC2 11 DG  A 20 ? DG  A 20  . ? 1_555 ? 
18 AC2 11 K   B .  ? K   A 101 . ? 1_555 ? 
19 AC2 11 K   D .  ? K   A 103 . ? 6_555 ? 
20 AC2 11 K   D .  ? K   A 103 . ? 1_555 ? 
21 AC3 10 DG  A 1  ? DG  A 1   . ? 6_555 ? 
22 AC3 10 DG  A 1  ? DG  A 1   . ? 1_555 ? 
23 AC3 10 DG  A 7  ? DG  A 7   . ? 6_555 ? 
24 AC3 10 DG  A 7  ? DG  A 7   . ? 1_555 ? 
25 AC3 10 DG  A 13 ? DG  A 13  . ? 1_555 ? 
26 AC3 10 DG  A 13 ? DG  A 13  . ? 6_555 ? 
27 AC3 10 DG  A 19 ? DG  A 19  . ? 1_555 ? 
28 AC3 10 DG  A 19 ? DG  A 19  . ? 6_555 ? 
29 AC3 10 K   C .  ? K   A 102 . ? 6_555 ? 
30 AC3 10 K   C .  ? K   A 102 . ? 1_555 ? 
31 AC4 11 DG  A 3  ? DG  A 3   . ? 1_555 ? 
32 AC4 11 DT  A 5  ? DT  A 5   . ? 3_654 ? 
33 AC4 11 DG  A 9  ? DG  A 9   . ? 1_555 ? 
34 AC4 11 DT  A 10 ? DT  A 10  . ? 1_555 ? 
35 AC4 11 DT  A 11 ? DT  A 11  . ? 4_655 ? 
36 AC4 11 DA  A 12 ? DA  A 12  . ? 4_655 ? 
37 AC4 11 DG  A 15 ? DG  A 15  . ? 1_555 ? 
38 AC4 11 DG  A 21 ? DG  A 21  . ? 1_555 ? 
39 AC4 11 HOH F .  ? HOH A 212 . ? 1_555 ? 
40 AC4 11 HOH F .  ? HOH A 224 . ? 1_555 ? 
41 AC4 11 HOH F .  ? HOH A 225 . ? 1_555 ? 
# 
_atom_sites.entry_id                    4DA3 
_atom_sites.fract_transf_matrix[1][1]   0.00586030 
_atom_sites.fract_transf_matrix[1][2]   0.00513311 
_atom_sites.fract_transf_matrix[1][3]   0.02111248 
_atom_sites.fract_transf_matrix[2][1]   0.01079444 
_atom_sites.fract_transf_matrix[2][2]   0.01926951 
_atom_sites.fract_transf_matrix[2][3]   0.00431233 
_atom_sites.fract_transf_matrix[3][1]   -0.01688735 
_atom_sites.fract_transf_matrix[3][2]   0.00889496 
_atom_sites.fract_transf_matrix[3][3]   0.00252487 
_atom_sites.fract_transf_vector[1]      0.085784 
_atom_sites.fract_transf_vector[2]      -0.349064 
_atom_sites.fract_transf_vector[3]      0.055141 
# 
loop_
_atom_type.symbol 
C 
K 
N 
O 
P 
# 
loop_
_atom_site.group_PDB 
_atom_site.id 
_atom_site.type_symbol 
_atom_site.label_atom_id 
_atom_site.label_alt_id 
_atom_site.label_comp_id 
_atom_site.label_asym_id 
_atom_site.label_entity_id 
_atom_site.label_seq_id 
_atom_site.pdbx_PDB_ins_code 
_atom_site.Cartn_x 
_atom_site.Cartn_y 
_atom_site.Cartn_z 
_atom_site.occupancy 
_atom_site.B_iso_or_equiv 
_atom_site.pdbx_formal_charge 
_atom_site.auth_seq_id 
_atom_site.auth_comp_id 
_atom_site.auth_asym_id 
_atom_site.auth_atom_id 
_atom_site.pdbx_PDB_model_num 
ATOM   1   O "O5'" . DG  A 1 1  ? -5.818  11.488  4.276   1.00 41.37 ? 1   DG  A "O5'" 1 
ATOM   2   C "C5'" . DG  A 1 1  ? -5.748  10.071  4.048   1.00 38.94 ? 1   DG  A "C5'" 1 
ATOM   3   C "C4'" . DG  A 1 1  ? -7.010  9.398   4.536   1.00 39.56 ? 1   DG  A "C4'" 1 
ATOM   4   O "O4'" . DG  A 1 1  ? -7.866  9.073   3.408   1.00 39.99 ? 1   DG  A "O4'" 1 
ATOM   5   C "C3'" . DG  A 1 1  ? -6.762  8.085   5.278   1.00 38.31 ? 1   DG  A "C3'" 1 
ATOM   6   O "O3'" . DG  A 1 1  ? -6.934  8.280   6.684   1.00 38.29 ? 1   DG  A "O3'" 1 
ATOM   7   C "C2'" . DG  A 1 1  ? -7.812  7.145   4.719   1.00 36.67 ? 1   DG  A "C2'" 1 
ATOM   8   C "C1'" . DG  A 1 1  ? -8.019  7.670   3.313   1.00 35.31 ? 1   DG  A "C1'" 1 
ATOM   9   N N9    . DG  A 1 1  ? -7.057  7.178   2.330   1.00 34.21 ? 1   DG  A N9    1 
ATOM   10  C C8    . DG  A 1 1  ? -6.134  7.919   1.633   1.00 32.68 ? 1   DG  A C8    1 
ATOM   11  N N7    . DG  A 1 1  ? -5.412  7.201   0.817   1.00 31.46 ? 1   DG  A N7    1 
ATOM   12  C C5    . DG  A 1 1  ? -5.893  5.911   0.977   1.00 30.87 ? 1   DG  A C5    1 
ATOM   13  C C6    . DG  A 1 1  ? -5.503  4.705   0.353   1.00 30.48 ? 1   DG  A C6    1 
ATOM   14  O O6    . DG  A 1 1  ? -4.620  4.528   -0.489  1.00 34.23 ? 1   DG  A O6    1 
ATOM   15  N N1    . DG  A 1 1  ? -6.255  3.629   0.805   1.00 28.68 ? 1   DG  A N1    1 
ATOM   16  C C2    . DG  A 1 1  ? -7.248  3.699   1.743   1.00 27.80 ? 1   DG  A C2    1 
ATOM   17  N N2    . DG  A 1 1  ? -7.840  2.545   2.060   1.00 27.99 ? 1   DG  A N2    1 
ATOM   18  N N3    . DG  A 1 1  ? -7.627  4.819   2.331   1.00 29.51 ? 1   DG  A N3    1 
ATOM   19  C C4    . DG  A 1 1  ? -6.908  5.878   1.908   1.00 31.43 ? 1   DG  A C4    1 
ATOM   20  P P     . DG  A 1 2  ? -5.846  7.740   7.711   1.00 38.83 ? 2   DG  A P     1 
ATOM   21  O OP1   . DG  A 1 2  ? -6.331  8.156   9.035   1.00 42.29 ? 2   DG  A OP1   1 
ATOM   22  O OP2   . DG  A 1 2  ? -4.476  8.092   7.296   1.00 37.24 ? 2   DG  A OP2   1 
ATOM   23  O "O5'" . DG  A 1 2  ? -5.993  6.160   7.628   1.00 37.30 ? 2   DG  A "O5'" 1 
ATOM   24  C "C5'" . DG  A 1 2  ? -7.199  5.526   8.071   1.00 34.55 ? 2   DG  A "C5'" 1 
ATOM   25  C "C4'" . DG  A 1 2  ? -7.155  4.039   7.818   1.00 31.45 ? 2   DG  A "C4'" 1 
ATOM   26  O "O4'" . DG  A 1 2  ? -7.262  3.793   6.404   1.00 30.04 ? 2   DG  A "O4'" 1 
ATOM   27  C "C3'" . DG  A 1 2  ? -5.873  3.340   8.239   1.00 31.60 ? 2   DG  A "C3'" 1 
ATOM   28  O "O3'" . DG  A 1 2  ? -5.978  2.821   9.564   1.00 32.99 ? 2   DG  A "O3'" 1 
ATOM   29  C "C2'" . DG  A 1 2  ? -5.835  2.146   7.309   1.00 30.74 ? 2   DG  A "C2'" 1 
ATOM   30  C "C1'" . DG  A 1 2  ? -6.484  2.666   6.041   1.00 28.57 ? 2   DG  A "C1'" 1 
ATOM   31  N N9    . DG  A 1 2  ? -5.540  3.088   5.016   1.00 27.09 ? 2   DG  A N9    1 
ATOM   32  C C8    . DG  A 1 2  ? -5.121  4.370   4.754   1.00 25.62 ? 2   DG  A C8    1 
ATOM   33  N N7    . DG  A 1 2  ? -4.284  4.441   3.756   1.00 24.94 ? 2   DG  A N7    1 
ATOM   34  C C5    . DG  A 1 2  ? -4.152  3.127   3.326   1.00 25.78 ? 2   DG  A C5    1 
ATOM   35  C C6    . DG  A 1 2  ? -3.388  2.581   2.270   1.00 25.40 ? 2   DG  A C6    1 
ATOM   36  O O6    . DG  A 1 2  ? -2.651  3.166   1.474   1.00 29.89 ? 2   DG  A O6    1 
ATOM   37  N N1    . DG  A 1 2  ? -3.545  1.205   2.181   1.00 23.64 ? 2   DG  A N1    1 
ATOM   38  C C2    . DG  A 1 2  ? -4.340  0.449   2.997   1.00 23.59 ? 2   DG  A C2    1 
ATOM   39  N N2    . DG  A 1 2  ? -4.341  -0.868  2.763   1.00 23.01 ? 2   DG  A N2    1 
ATOM   40  N N3    . DG  A 1 2  ? -5.062  0.944   3.986   1.00 25.58 ? 2   DG  A N3    1 
ATOM   41  C C4    . DG  A 1 2  ? -4.918  2.281   4.096   1.00 25.63 ? 2   DG  A C4    1 
ATOM   42  P P     . DG  A 1 3  ? -4.650  2.507   10.368  1.00 33.29 ? 3   DG  A P     1 
ATOM   43  O OP1   . DG  A 1 3  ? -4.927  2.499   11.814  1.00 37.90 ? 3   DG  A OP1   1 
ATOM   44  O OP2   . DG  A 1 3  ? -3.577  3.374   9.841   1.00 33.32 ? 3   DG  A OP2   1 
ATOM   45  O "O5'" . DG  A 1 3  ? -4.338  0.988   10.044  1.00 31.52 ? 3   DG  A "O5'" 1 
ATOM   46  C "C5'" . DG  A 1 3  ? -5.374  0.005   10.039  1.00 30.98 ? 3   DG  A "C5'" 1 
ATOM   47  C "C4'" . DG  A 1 3  ? -4.823  -1.279  9.468   1.00 30.32 ? 3   DG  A "C4'" 1 
ATOM   48  O "O4'" . DG  A 1 3  ? -4.508  -1.079  8.068   1.00 30.22 ? 3   DG  A "O4'" 1 
ATOM   49  C "C3'" . DG  A 1 3  ? -3.520  -1.726  10.127  1.00 31.50 ? 3   DG  A "C3'" 1 
ATOM   50  O "O3'" . DG  A 1 3  ? -3.434  -3.145  10.087  1.00 36.95 ? 3   DG  A "O3'" 1 
ATOM   51  C "C2'" . DG  A 1 3  ? -2.463  -1.191  9.188   1.00 29.46 ? 3   DG  A "C2'" 1 
ATOM   52  C "C1'" . DG  A 1 3  ? -3.135  -1.347  7.836   1.00 27.96 ? 3   DG  A "C1'" 1 
ATOM   53  N N9    . DG  A 1 3  ? -2.643  -0.389  6.853   1.00 25.22 ? 3   DG  A N9    1 
ATOM   54  C C8    . DG  A 1 3  ? -2.672  0.975   6.975   1.00 24.99 ? 3   DG  A C8    1 
ATOM   55  N N7    . DG  A 1 3  ? -2.116  1.592   5.970   1.00 25.12 ? 3   DG  A N7    1 
ATOM   56  C C5    . DG  A 1 3  ? -1.675  0.570   5.141   1.00 24.35 ? 3   DG  A C5    1 
ATOM   57  C C6    . DG  A 1 3  ? -0.987  0.626   3.905   1.00 24.16 ? 3   DG  A C6    1 
ATOM   58  O O6    . DG  A 1 3  ? -0.646  1.622   3.255   1.00 25.87 ? 3   DG  A O6    1 
ATOM   59  N N1    . DG  A 1 3  ? -0.712  -0.644  3.414   1.00 23.24 ? 3   DG  A N1    1 
ATOM   60  C C2    . DG  A 1 3  ? -1.074  -1.817  4.020   1.00 23.64 ? 3   DG  A C2    1 
ATOM   61  N N2    . DG  A 1 3  ? -0.740  -2.942  3.371   1.00 23.29 ? 3   DG  A N2    1 
ATOM   62  N N3    . DG  A 1 3  ? -1.712  -1.884  5.178   1.00 24.82 ? 3   DG  A N3    1 
ATOM   63  C C4    . DG  A 1 3  ? -1.979  -0.660  5.679   1.00 24.43 ? 3   DG  A C4    1 
ATOM   64  P P     . DT  A 1 4  ? -3.175  -4.063  11.354  1.00 40.29 ? 4   DT  A P     1 
ATOM   65  O OP1   . DT  A 1 4  ? -1.985  -3.575  12.081  1.00 41.15 ? 4   DT  A OP1   1 
ATOM   66  O OP2   . DT  A 1 4  ? -3.294  -5.482  10.918  1.00 37.58 ? 4   DT  A OP2   1 
ATOM   67  O "O5'" . DT  A 1 4  ? -4.398  -3.747  12.311  1.00 39.67 ? 4   DT  A "O5'" 1 
ATOM   68  C "C5'" . DT  A 1 4  ? -5.577  -4.543  12.246  1.00 38.51 ? 4   DT  A "C5'" 1 
ATOM   69  C "C4'" . DT  A 1 4  ? -6.673  -3.836  12.998  1.00 37.75 ? 4   DT  A "C4'" 1 
ATOM   70  O "O4'" . DT  A 1 4  ? -6.895  -2.530  12.425  1.00 37.74 ? 4   DT  A "O4'" 1 
ATOM   71  C "C3'" . DT  A 1 4  ? -8.015  -4.555  12.957  1.00 40.03 ? 4   DT  A "C3'" 1 
ATOM   72  O "O3'" . DT  A 1 4  ? -8.427  -4.689  14.321  1.00 41.47 ? 4   DT  A "O3'" 1 
ATOM   73  C "C2'" . DT  A 1 4  ? -8.890  -3.646  12.106  1.00 38.35 ? 4   DT  A "C2'" 1 
ATOM   74  C "C1'" . DT  A 1 4  ? -8.282  -2.292  12.384  1.00 36.65 ? 4   DT  A "C1'" 1 
ATOM   75  N N1    . DT  A 1 4  ? -8.540  -1.217  11.397  1.00 36.02 ? 4   DT  A N1    1 
ATOM   76  C C2    . DT  A 1 4  ? -8.631  0.068   11.883  1.00 35.85 ? 4   DT  A C2    1 
ATOM   77  O O2    . DT  A 1 4  ? -8.500  0.342   13.063  1.00 38.74 ? 4   DT  A O2    1 
ATOM   78  N N3    . DT  A 1 4  ? -8.881  1.024   10.930  1.00 36.19 ? 4   DT  A N3    1 
ATOM   79  C C4    . DT  A 1 4  ? -9.040  0.828   9.572   1.00 34.34 ? 4   DT  A C4    1 
ATOM   80  O O4    . DT  A 1 4  ? -9.257  1.786   8.839   1.00 35.84 ? 4   DT  A O4    1 
ATOM   81  C C5    . DT  A 1 4  ? -8.934  -0.541  9.130   1.00 34.41 ? 4   DT  A C5    1 
ATOM   82  C C7    . DT  A 1 4  ? -9.096  -0.846  7.674   1.00 33.17 ? 4   DT  A C7    1 
ATOM   83  C C6    . DT  A 1 4  ? -8.697  -1.484  10.053  1.00 35.17 ? 4   DT  A C6    1 
ATOM   84  P P     . DT  A 1 5  ? -8.654  -6.122  14.970  1.00 41.82 ? 5   DT  A P     1 
ATOM   85  O OP1   . DT  A 1 5  ? -8.647  -5.899  16.431  1.00 46.35 ? 5   DT  A OP1   1 
ATOM   86  O OP2   . DT  A 1 5  ? -7.831  -7.201  14.389  1.00 44.17 ? 5   DT  A OP2   1 
ATOM   87  O "O5'" . DT  A 1 5  ? -10.143 -6.433  14.533  1.00 37.66 ? 5   DT  A "O5'" 1 
ATOM   88  C "C5'" . DT  A 1 5  ? -10.479 -7.689  13.954  1.00 34.76 ? 5   DT  A "C5'" 1 
ATOM   89  C "C4'" . DT  A 1 5  ? -11.807 -7.540  13.253  1.00 34.97 ? 5   DT  A "C4'" 1 
ATOM   90  O "O4'" . DT  A 1 5  ? -12.667 -6.675  14.021  1.00 34.36 ? 5   DT  A "O4'" 1 
ATOM   91  C "C3'" . DT  A 1 5  ? -11.723 -6.850  11.905  1.00 34.94 ? 5   DT  A "C3'" 1 
ATOM   92  O "O3'" . DT  A 1 5  ? -11.252 -7.767  10.919  1.00 35.94 ? 5   DT  A "O3'" 1 
ATOM   93  C "C2'" . DT  A 1 5  ? -13.146 -6.361  11.723  1.00 33.19 ? 5   DT  A "C2'" 1 
ATOM   94  C "C1'" . DT  A 1 5  ? -13.515 -5.940  13.141  1.00 31.37 ? 5   DT  A "C1'" 1 
ATOM   95  N N1    . DT  A 1 5  ? -13.312 -4.511  13.412  1.00 28.59 ? 5   DT  A N1    1 
ATOM   96  C C2    . DT  A 1 5  ? -14.217 -3.618  12.890  1.00 27.45 ? 5   DT  A C2    1 
ATOM   97  O O2    . DT  A 1 5  ? -15.173 -3.955  12.212  1.00 27.85 ? 5   DT  A O2    1 
ATOM   98  N N3    . DT  A 1 5  ? -13.962 -2.305  13.193  1.00 27.74 ? 5   DT  A N3    1 
ATOM   99  C C4    . DT  A 1 5  ? -12.922 -1.810  13.953  1.00 27.06 ? 5   DT  A C4    1 
ATOM   100 O O4    . DT  A 1 5  ? -12.814 -0.601  14.123  1.00 28.07 ? 5   DT  A O4    1 
ATOM   101 C C5    . DT  A 1 5  ? -12.016 -2.805  14.477  1.00 26.67 ? 5   DT  A C5    1 
ATOM   102 C C7    . DT  A 1 5  ? -10.856 -2.361  15.311  1.00 26.10 ? 5   DT  A C7    1 
ATOM   103 C C6    . DT  A 1 5  ? -12.253 -4.088  14.185  1.00 27.55 ? 5   DT  A C6    1 
ATOM   104 P P     . DA  A 1 6  ? -10.115 -7.279  9.929   1.00 35.85 ? 6   DA  A P     1 
ATOM   105 O OP1   . DA  A 1 6  ? -9.849  -8.498  9.139   1.00 36.29 ? 6   DA  A OP1   1 
ATOM   106 O OP2   . DA  A 1 6  ? -8.999  -6.544  10.548  1.00 33.78 ? 6   DA  A OP2   1 
ATOM   107 O "O5'" . DA  A 1 6  ? -10.971 -6.224  9.097   1.00 35.67 ? 6   DA  A "O5'" 1 
ATOM   108 C "C5'" . DA  A 1 6  ? -12.120 -6.653  8.340   1.00 33.74 ? 6   DA  A "C5'" 1 
ATOM   109 C "C4'" . DA  A 1 6  ? -12.645 -5.522  7.490   1.00 31.66 ? 6   DA  A "C4'" 1 
ATOM   110 O "O4'" . DA  A 1 6  ? -13.126 -4.466  8.346   1.00 30.19 ? 6   DA  A "O4'" 1 
ATOM   111 C "C3'" . DA  A 1 6  ? -11.621 -4.879  6.551   1.00 31.60 ? 6   DA  A "C3'" 1 
ATOM   112 O "O3'" . DA  A 1 6  ? -12.207 -4.538  5.288   1.00 34.07 ? 6   DA  A "O3'" 1 
ATOM   113 C "C2'" . DA  A 1 6  ? -11.274 -3.585  7.250   1.00 29.52 ? 6   DA  A "C2'" 1 
ATOM   114 C "C1'" . DA  A 1 6  ? -12.584 -3.235  7.920   1.00 28.61 ? 6   DA  A "C1'" 1 
ATOM   115 N N9    . DA  A 1 6  ? -12.397 -2.411  9.101   1.00 27.13 ? 6   DA  A N9    1 
ATOM   116 C C8    . DA  A 1 6  ? -12.019 -2.836  10.349  1.00 26.88 ? 6   DA  A C8    1 
ATOM   117 N N7    . DA  A 1 6  ? -11.905 -1.869  11.224  1.00 27.88 ? 6   DA  A N7    1 
ATOM   118 C C5    . DA  A 1 6  ? -12.218 -0.727  10.500  1.00 26.88 ? 6   DA  A C5    1 
ATOM   119 C C6    . DA  A 1 6  ? -12.274 0.629   10.855  1.00 28.00 ? 6   DA  A C6    1 
ATOM   120 N N6    . DA  A 1 6  ? -12.015 1.085   12.083  1.00 29.00 ? 6   DA  A N6    1 
ATOM   121 N N1    . DA  A 1 6  ? -12.611 1.516   9.892   1.00 28.87 ? 6   DA  A N1    1 
ATOM   122 C C2    . DA  A 1 6  ? -12.884 1.055   8.667   1.00 27.56 ? 6   DA  A C2    1 
ATOM   123 N N3    . DA  A 1 6  ? -12.869 -0.195  8.213   1.00 27.06 ? 6   DA  A N3    1 
ATOM   124 C C4    . DA  A 1 6  ? -12.516 -1.047  9.190   1.00 26.73 ? 6   DA  A C4    1 
ATOM   125 P P     . DG  A 1 7  ? -12.391 -5.540  4.049   1.00 36.00 ? 7   DG  A P     1 
ATOM   126 O OP1   . DG  A 1 7  ? -13.444 -4.872  3.259   1.00 35.94 ? 7   DG  A OP1   1 
ATOM   127 O OP2   . DG  A 1 7  ? -12.567 -6.949  4.459   1.00 34.45 ? 7   DG  A OP2   1 
ATOM   128 O "O5'" . DG  A 1 7  ? -10.982 -5.545  3.313   1.00 32.21 ? 7   DG  A "O5'" 1 
ATOM   129 C "C5'" . DG  A 1 7  ? -10.440 -4.371  2.703   1.00 29.54 ? 7   DG  A "C5'" 1 
ATOM   130 C "C4'" . DG  A 1 7  ? -9.384  -4.765  1.697   1.00 27.38 ? 7   DG  A "C4'" 1 
ATOM   131 O "O4'" . DG  A 1 7  ? -8.996  -3.604  0.933   1.00 25.64 ? 7   DG  A "O4'" 1 
ATOM   132 C "C3'" . DG  A 1 7  ? -8.094  -5.337  2.293   1.00 27.97 ? 7   DG  A "C3'" 1 
ATOM   133 O "O3'" . DG  A 1 7  ? -7.747  -6.538  1.614   1.00 30.14 ? 7   DG  A "O3'" 1 
ATOM   134 C "C2'" . DG  A 1 7  ? -7.046  -4.284  1.989   1.00 26.83 ? 7   DG  A "C2'" 1 
ATOM   135 C "C1'" . DG  A 1 7  ? -7.600  -3.638  0.741   1.00 24.89 ? 7   DG  A "C1'" 1 
ATOM   136 N N9    . DG  A 1 7  ? -7.147  -2.277  0.495   1.00 22.56 ? 7   DG  A N9    1 
ATOM   137 C C8    . DG  A 1 7  ? -7.461  -1.157  1.221   1.00 22.08 ? 7   DG  A C8    1 
ATOM   138 N N7    . DG  A 1 7  ? -6.915  -0.072  0.750   1.00 22.06 ? 7   DG  A N7    1 
ATOM   139 C C5    . DG  A 1 7  ? -6.199  -0.502  -0.357  1.00 21.56 ? 7   DG  A C5    1 
ATOM   140 C C6    . DG  A 1 7  ? -5.399  0.225   -1.270  1.00 22.09 ? 7   DG  A C6    1 
ATOM   141 O O6    . DG  A 1 7  ? -5.163  1.434   -1.290  1.00 25.96 ? 7   DG  A O6    1 
ATOM   142 N N1    . DG  A 1 7  ? -4.863  -0.599  -2.251  1.00 20.98 ? 7   DG  A N1    1 
ATOM   143 C C2    . DG  A 1 7  ? -5.067  -1.947  -2.344  1.00 20.90 ? 7   DG  A C2    1 
ATOM   144 N N2    . DG  A 1 7  ? -4.453  -2.566  -3.358  1.00 20.24 ? 7   DG  A N2    1 
ATOM   145 N N3    . DG  A 1 7  ? -5.820  -2.638  -1.503  1.00 22.20 ? 7   DG  A N3    1 
ATOM   146 C C4    . DG  A 1 7  ? -6.341  -1.858  -0.533  1.00 21.81 ? 7   DG  A C4    1 
ATOM   147 P P     . DG  A 1 8  ? -6.534  -7.447  2.022   1.00 31.76 ? 8   DG  A P     1 
ATOM   148 O OP1   . DG  A 1 8  ? -6.872  -8.856  1.768   1.00 32.02 ? 8   DG  A OP1   1 
ATOM   149 O OP2   . DG  A 1 8  ? -6.016  -7.056  3.338   1.00 34.12 ? 8   DG  A OP2   1 
ATOM   150 O "O5'" . DG  A 1 8  ? -5.418  -6.999  0.984   1.00 31.83 ? 8   DG  A "O5'" 1 
ATOM   151 C "C5'" . DG  A 1 8  ? -5.561  -7.215  -0.422  1.00 28.94 ? 8   DG  A "C5'" 1 
ATOM   152 C "C4'" . DG  A 1 8  ? -4.199  -7.279  -1.068  1.00 28.15 ? 8   DG  A "C4'" 1 
ATOM   153 O "O4'" . DG  A 1 8  ? -3.758  -5.954  -1.434  1.00 28.69 ? 8   DG  A "O4'" 1 
ATOM   154 C "C3'" . DG  A 1 8  ? -3.091  -7.869  -0.196  1.00 30.15 ? 8   DG  A "C3'" 1 
ATOM   155 O "O3'" . DG  A 1 8  ? -2.261  -8.637  -1.065  1.00 31.65 ? 8   DG  A "O3'" 1 
ATOM   156 C "C2'" . DG  A 1 8  ? -2.371  -6.643  0.337   1.00 29.34 ? 8   DG  A "C2'" 1 
ATOM   157 C "C1'" . DG  A 1 8  ? -2.519  -5.648  -0.803  1.00 28.61 ? 8   DG  A "C1'" 1 
ATOM   158 N N9    . DG  A 1 8  ? -2.561  -4.245  -0.404  1.00 27.39 ? 8   DG  A N9    1 
ATOM   159 C C8    . DG  A 1 8  ? -3.240  -3.702  0.661   1.00 26.42 ? 8   DG  A C8    1 
ATOM   160 N N7    . DG  A 1 8  ? -3.104  -2.406  0.745   1.00 25.81 ? 8   DG  A N7    1 
ATOM   161 C C5    . DG  A 1 8  ? -2.299  -2.073  -0.334  1.00 26.03 ? 8   DG  A C5    1 
ATOM   162 C C6    . DG  A 1 8  ? -1.809  -0.816  -0.758  1.00 26.38 ? 8   DG  A C6    1 
ATOM   163 O O6    . DG  A 1 8  ? -2.016  0.297   -0.268  1.00 30.14 ? 8   DG  A O6    1 
ATOM   164 N N1    . DG  A 1 8  ? -1.016  -0.933  -1.893  1.00 25.71 ? 8   DG  A N1    1 
ATOM   165 C C2    . DG  A 1 8  ? -0.728  -2.106  -2.536  1.00 25.31 ? 8   DG  A C2    1 
ATOM   166 N N2    . DG  A 1 8  ? 0.065   -2.011  -3.605  1.00 25.65 ? 8   DG  A N2    1 
ATOM   167 N N3    . DG  A 1 8  ? -1.181  -3.286  -2.154  1.00 26.72 ? 8   DG  A N3    1 
ATOM   168 C C4    . DG  A 1 8  ? -1.959  -3.196  -1.057  1.00 26.56 ? 8   DG  A C4    1 
ATOM   169 P P     . DG  A 1 9  ? -1.015  -9.498  -0.671  1.00 31.19 ? 9   DG  A P     1 
ATOM   170 O OP1   . DG  A 1 9  ? -0.936  -10.558 -1.683  1.00 35.19 ? 9   DG  A OP1   1 
ATOM   171 O OP2   . DG  A 1 9  ? -1.153  -9.837  0.748   1.00 30.59 ? 9   DG  A OP2   1 
ATOM   172 O "O5'" . DG  A 1 9  ? 0.268   -8.624  -1.008  1.00 30.39 ? 9   DG  A "O5'" 1 
ATOM   173 C "C5'" . DG  A 1 9  ? 0.568   -8.222  -2.350  1.00 27.72 ? 9   DG  A "C5'" 1 
ATOM   174 C "C4'" . DG  A 1 9  ? 1.864   -7.448  -2.380  1.00 28.64 ? 9   DG  A "C4'" 1 
ATOM   175 O "O4'" . DG  A 1 9  ? 1.632   -6.047  -2.108  1.00 28.59 ? 9   DG  A "O4'" 1 
ATOM   176 C "C3'" . DG  A 1 9  ? 2.911   -7.905  -1.360  1.00 30.41 ? 9   DG  A "C3'" 1 
ATOM   177 O "O3'" . DG  A 1 9  ? 4.181   -7.969  -2.006  1.00 33.14 ? 9   DG  A "O3'" 1 
ATOM   178 C "C2'" . DG  A 1 9  ? 2.945   -6.781  -0.340  1.00 28.39 ? 9   DG  A "C2'" 1 
ATOM   179 C "C1'" . DG  A 1 9  ? 2.611   -5.581  -1.188  1.00 26.25 ? 9   DG  A "C1'" 1 
ATOM   180 N N9    . DG  A 1 9  ? 2.038   -4.458  -0.459  1.00 23.68 ? 9   DG  A N9    1 
ATOM   181 C C8    . DG  A 1 9  ? 1.124   -4.514  0.565   1.00 23.06 ? 9   DG  A C8    1 
ATOM   182 N N7    . DG  A 1 9  ? 0.761   -3.337  0.991   1.00 22.81 ? 9   DG  A N7    1 
ATOM   183 C C5    . DG  A 1 9  ? 1.476   -2.451  0.199   1.00 23.12 ? 9   DG  A C5    1 
ATOM   184 C C6    . DG  A 1 9  ? 1.503   -1.034  0.199   1.00 23.18 ? 9   DG  A C6    1 
ATOM   185 O O6    . DG  A 1 9  ? 0.860   -0.248  0.906   1.00 24.14 ? 9   DG  A O6    1 
ATOM   186 N N1    . DG  A 1 9  ? 2.365   -0.540  -0.773  1.00 23.13 ? 9   DG  A N1    1 
ATOM   187 C C2    . DG  A 1 9  ? 3.108   -1.308  -1.633  1.00 23.42 ? 9   DG  A C2    1 
ATOM   188 N N2    . DG  A 1 9  ? 3.881   -0.642  -2.503  1.00 23.67 ? 9   DG  A N2    1 
ATOM   189 N N3    . DG  A 1 9  ? 3.096   -2.629  -1.638  1.00 23.35 ? 9   DG  A N3    1 
ATOM   190 C C4    . DG  A 1 9  ? 2.259   -3.129  -0.708  1.00 22.55 ? 9   DG  A C4    1 
ATOM   191 P P     . DT  A 1 10 ? 5.275   -9.024  -1.616  1.00 34.62 ? 10  DT  A P     1 
ATOM   192 O OP1   . DT  A 1 10 ? 5.435   -8.958  -0.156  1.00 33.85 ? 10  DT  A OP1   1 
ATOM   193 O OP2   . DT  A 1 10 ? 6.392   -8.665  -2.510  1.00 32.71 ? 10  DT  A OP2   1 
ATOM   194 O "O5'" . DT  A 1 10 ? 4.663   -10.442 -2.001  1.00 37.49 ? 10  DT  A "O5'" 1 
ATOM   195 C "C5'" . DT  A 1 10 ? 4.768   -10.960 -3.343  1.00 40.85 ? 10  DT  A "C5'" 1 
ATOM   196 C "C4'" . DT  A 1 10 ? 5.020   -12.454 -3.344  1.00 44.77 ? 10  DT  A "C4'" 1 
ATOM   197 O "O4'" . DT  A 1 10 ? 6.445   -12.716 -3.396  1.00 46.19 ? 10  DT  A "O4'" 1 
ATOM   198 C "C3'" . DT  A 1 10 ? 4.480   -13.243 -2.140  1.00 45.54 ? 10  DT  A "C3'" 1 
ATOM   199 O "O3'" . DT  A 1 10 ? 3.885   -14.500 -2.541  1.00 48.10 ? 10  DT  A "O3'" 1 
ATOM   200 C "C2'" . DT  A 1 10 ? 5.734   -13.528 -1.331  1.00 44.56 ? 10  DT  A "C2'" 1 
ATOM   201 C "C1'" . DT  A 1 10 ? 6.735   -13.729 -2.450  1.00 46.94 ? 10  DT  A "C1'" 1 
ATOM   202 N N1    . DT  A 1 10 ? 8.176   -13.665 -2.112  0.50 47.65 ? 10  DT  A N1    1 
ATOM   203 C C2    . DT  A 1 10 ? 8.748   -12.481 -1.697  0.50 47.12 ? 10  DT  A C2    1 
ATOM   204 O O2    . DT  A 1 10 ? 8.124   -11.441 -1.577  0.50 46.23 ? 10  DT  A O2    1 
ATOM   205 N N3    . DT  A 1 10 ? 10.091  -12.562 -1.423  0.50 48.90 ? 10  DT  A N3    1 
ATOM   206 C C4    . DT  A 1 10 ? 10.898  -13.681 -1.516  0.50 48.93 ? 10  DT  A C4    1 
ATOM   207 O O4    . DT  A 1 10 ? 12.090  -13.602 -1.231  0.50 48.95 ? 10  DT  A O4    1 
ATOM   208 C C5    . DT  A 1 10 ? 10.232  -14.885 -1.955  0.50 49.03 ? 10  DT  A C5    1 
ATOM   209 C C7    . DT  A 1 10 ? 11.026  -16.146 -2.088  0.50 49.38 ? 10  DT  A C7    1 
ATOM   210 C C6    . DT  A 1 10 ? 8.924   -14.816 -2.230  0.50 48.42 ? 10  DT  A C6    1 
ATOM   211 P P     . DT  A 1 11 ? 2.345   -14.928 -2.892  1.00 45.08 ? 11  DT  A P     1 
ATOM   212 O OP1   . DT  A 1 11 ? 1.351   -14.069 -2.218  1.00 50.00 ? 11  DT  A OP1   1 
ATOM   213 O OP2   . DT  A 1 11 ? 2.250   -16.394 -2.716  1.00 44.80 ? 11  DT  A OP2   1 
ATOM   214 O "O5'" . DT  A 1 11 ? 2.164   -14.561 -4.426  1.00 40.51 ? 11  DT  A "O5'" 1 
ATOM   215 C "C5'" . DT  A 1 11 ? 3.238   -14.760 -5.345  1.00 42.41 ? 11  DT  A "C5'" 1 
ATOM   216 C "C4'" . DT  A 1 11 ? 2.716   -14.744 -6.761  1.00 42.60 ? 11  DT  A "C4'" 1 
ATOM   217 O "O4'" . DT  A 1 11 ? 1.548   -15.592 -6.874  1.00 41.77 ? 11  DT  A "O4'" 1 
ATOM   218 C "C3'" . DT  A 1 11 ? 2.286   -13.374 -7.267  1.00 41.70 ? 11  DT  A "C3'" 1 
ATOM   219 O "O3'" . DT  A 1 11 ? 2.731   -13.303 -8.622  1.00 44.51 ? 11  DT  A "O3'" 1 
ATOM   220 C "C2'" . DT  A 1 11 ? 0.773   -13.406 -7.118  1.00 41.74 ? 11  DT  A "C2'" 1 
ATOM   221 C "C1'" . DT  A 1 11 ? 0.457   -14.860 -7.403  1.00 37.72 ? 11  DT  A "C1'" 1 
ATOM   222 N N1    . DT  A 1 11 ? -0.775  -15.405 -6.802  1.00 35.45 ? 11  DT  A N1    1 
ATOM   223 C C2    . DT  A 1 11 ? -1.708  -15.976 -7.636  1.00 34.04 ? 11  DT  A C2    1 
ATOM   224 O O2    . DT  A 1 11 ? -1.592  -16.002 -8.850  1.00 34.47 ? 11  DT  A O2    1 
ATOM   225 N N3    . DT  A 1 11 ? -2.800  -16.501 -6.997  1.00 31.80 ? 11  DT  A N3    1 
ATOM   226 C C4    . DT  A 1 11 ? -3.032  -16.542 -5.641  1.00 33.55 ? 11  DT  A C4    1 
ATOM   227 O O4    . DT  A 1 11 ? -4.059  -17.058 -5.212  1.00 35.62 ? 11  DT  A O4    1 
ATOM   228 C C5    . DT  A 1 11 ? -2.000  -15.952 -4.822  1.00 35.37 ? 11  DT  A C5    1 
ATOM   229 C C7    . DT  A 1 11 ? -2.166  -15.953 -3.336  1.00 38.08 ? 11  DT  A C7    1 
ATOM   230 C C6    . DT  A 1 11 ? -0.933  -15.427 -5.435  1.00 34.18 ? 11  DT  A C6    1 
ATOM   231 P P     . DA  A 1 12 ? 3.773   -12.181 -8.965  1.00 45.49 ? 12  DA  A P     1 
ATOM   232 O OP1   . DA  A 1 12 ? 4.350   -12.252 -10.320 1.00 43.85 ? 12  DA  A OP1   1 
ATOM   233 O OP2   . DA  A 1 12 ? 4.672   -12.105 -7.796  1.00 53.13 ? 12  DA  A OP2   1 
ATOM   234 O "O5'" . DA  A 1 12 ? 2.688   -11.019 -8.886  1.00 46.60 ? 12  DA  A "O5'" 1 
ATOM   235 C "C5'" . DA  A 1 12 ? 2.603   -10.001 -9.893  1.00 42.38 ? 12  DA  A "C5'" 1 
ATOM   236 C "C4'" . DA  A 1 12 ? 1.191   -9.870  -10.417 1.00 38.37 ? 12  DA  A "C4'" 1 
ATOM   237 O "O4'" . DA  A 1 12 ? 0.346   -10.956 -9.976  1.00 35.84 ? 12  DA  A "O4'" 1 
ATOM   238 C "C3'" . DA  A 1 12 ? 0.458   -8.586  -10.015 1.00 37.77 ? 12  DA  A "C3'" 1 
ATOM   239 O "O3'" . DA  A 1 12 ? 0.352   -7.706  -11.139 1.00 38.17 ? 12  DA  A "O3'" 1 
ATOM   240 C "C2'" . DA  A 1 12 ? -0.933  -9.067  -9.627  1.00 36.96 ? 12  DA  A "C2'" 1 
ATOM   241 C "C1'" . DA  A 1 12 ? -0.964  -10.486 -10.171 1.00 33.34 ? 12  DA  A "C1'" 1 
ATOM   242 N N9    . DA  A 1 12 ? -1.900  -11.388 -9.498  1.00 30.56 ? 12  DA  A N9    1 
ATOM   243 C C8    . DA  A 1 12 ? -2.092  -11.541 -8.151  1.00 30.11 ? 12  DA  A C8    1 
ATOM   244 N N7    . DA  A 1 12 ? -3.052  -12.380 -7.844  1.00 30.19 ? 12  DA  A N7    1 
ATOM   245 C C5    . DA  A 1 12 ? -3.542  -12.791 -9.076  1.00 27.40 ? 12  DA  A C5    1 
ATOM   246 C C6    . DA  A 1 12 ? -4.572  -13.678 -9.439  1.00 25.94 ? 12  DA  A C6    1 
ATOM   247 N N6    . DA  A 1 12 ? -5.328  -14.339 -8.561  1.00 24.86 ? 12  DA  A N6    1 
ATOM   248 N N1    . DA  A 1 12 ? -4.801  -13.868 -10.753 1.00 26.48 ? 12  DA  A N1    1 
ATOM   249 C C2    . DA  A 1 12 ? -4.041  -13.210 -11.636 1.00 27.63 ? 12  DA  A C2    1 
ATOM   250 N N3    . DA  A 1 12 ? -3.056  -12.343 -11.420 1.00 28.21 ? 12  DA  A N3    1 
ATOM   251 C C4    . DA  A 1 12 ? -2.850  -12.178 -10.103 1.00 28.70 ? 12  DA  A C4    1 
ATOM   252 P P     . DG  A 1 13 ? 0.936   -6.223  -11.180 1.00 39.89 ? 13  DG  A P     1 
ATOM   253 O OP1   . DG  A 1 13 ? 0.191   -5.431  -12.175 1.00 41.12 ? 13  DG  A OP1   1 
ATOM   254 O OP2   . DG  A 1 13 ? 2.408   -6.239  -11.259 1.00 41.18 ? 13  DG  A OP2   1 
ATOM   255 O "O5'" . DG  A 1 13 ? 0.539   -5.742  -9.719  1.00 39.34 ? 13  DG  A "O5'" 1 
ATOM   256 C "C5'" . DG  A 1 13 ? -0.338  -4.626  -9.525  1.00 37.02 ? 13  DG  A "C5'" 1 
ATOM   257 C "C4'" . DG  A 1 13 ? 0.438   -3.339  -9.376  1.00 33.82 ? 13  DG  A "C4'" 1 
ATOM   258 O "O4'" . DG  A 1 13 ? -0.463  -2.371  -8.800  1.00 32.62 ? 13  DG  A "O4'" 1 
ATOM   259 C "C3'" . DG  A 1 13 ? 1.636   -3.397  -8.426  1.00 34.70 ? 13  DG  A "C3'" 1 
ATOM   260 O "O3'" . DG  A 1 13 ? 2.742   -2.567  -8.815  1.00 36.65 ? 13  DG  A "O3'" 1 
ATOM   261 C "C2'" . DG  A 1 13 ? 1.071   -2.833  -7.142  1.00 32.00 ? 13  DG  A "C2'" 1 
ATOM   262 C "C1'" . DG  A 1 13 ? 0.172   -1.769  -7.694  1.00 29.87 ? 13  DG  A "C1'" 1 
ATOM   263 N N9    . DG  A 1 13 ? -0.858  -1.339  -6.762  1.00 28.37 ? 13  DG  A N9    1 
ATOM   264 C C8    . DG  A 1 13 ? -1.683  -2.134  -6.007  1.00 26.79 ? 13  DG  A C8    1 
ATOM   265 N N7    . DG  A 1 13 ? -2.497  -1.451  -5.250  1.00 27.32 ? 13  DG  A N7    1 
ATOM   266 C C5    . DG  A 1 13 ? -2.172  -0.126  -5.505  1.00 26.25 ? 13  DG  A C5    1 
ATOM   267 C C6    . DG  A 1 13 ? -2.698  1.067   -4.961  1.00 26.44 ? 13  DG  A C6    1 
ATOM   268 O O6    . DG  A 1 13 ? -3.610  1.204   -4.138  1.00 30.31 ? 13  DG  A O6    1 
ATOM   269 N N1    . DG  A 1 13 ? -2.084  2.190   -5.501  1.00 26.46 ? 13  DG  A N1    1 
ATOM   270 C C2    . DG  A 1 13 ? -1.091  2.169   -6.442  1.00 25.13 ? 13  DG  A C2    1 
ATOM   271 N N2    . DG  A 1 13 ? -0.633  3.356   -6.844  1.00 24.56 ? 13  DG  A N2    1 
ATOM   272 N N3    . DG  A 1 13 ? -0.573  1.063   -6.939  1.00 26.86 ? 13  DG  A N3    1 
ATOM   273 C C4    . DG  A 1 13 ? -1.165  -0.040  -6.437  1.00 26.89 ? 13  DG  A C4    1 
ATOM   274 P P     . DG  A 1 14 ? 4.168   -2.726  -8.080  1.00 38.75 ? 14  DG  A P     1 
ATOM   275 O OP1   . DG  A 1 14 ? 5.096   -3.328  -9.047  1.00 41.98 ? 14  DG  A OP1   1 
ATOM   276 O OP2   . DG  A 1 14 ? 4.046   -3.326  -6.734  1.00 37.50 ? 14  DG  A OP2   1 
ATOM   277 O "O5'" . DG  A 1 14 ? 4.626   -1.222  -7.872  1.00 37.89 ? 14  DG  A "O5'" 1 
ATOM   278 C "C5'" . DG  A 1 14 ? 4.606   -0.305  -8.966  1.00 36.90 ? 14  DG  A "C5'" 1 
ATOM   279 C "C4'" . DG  A 1 14 ? 4.810   1.102   -8.462  1.00 36.17 ? 14  DG  A "C4'" 1 
ATOM   280 O "O4'" . DG  A 1 14 ? 3.542   1.653   -8.061  1.00 35.61 ? 14  DG  A "O4'" 1 
ATOM   281 C "C3'" . DG  A 1 14 ? 5.700   1.217   -7.234  1.00 36.30 ? 14  DG  A "C3'" 1 
ATOM   282 O "O3'" . DG  A 1 14 ? 7.040   1.480   -7.648  1.00 39.47 ? 14  DG  A "O3'" 1 
ATOM   283 C "C2'" . DG  A 1 14 ? 5.183   2.473   -6.567  1.00 34.91 ? 14  DG  A "C2'" 1 
ATOM   284 C "C1'" . DG  A 1 14 ? 3.713   2.504   -6.939  1.00 33.21 ? 14  DG  A "C1'" 1 
ATOM   285 N N9    . DG  A 1 14 ? 2.817   2.043   -5.888  1.00 31.52 ? 14  DG  A N9    1 
ATOM   286 C C8    . DG  A 1 14 ? 2.454   0.749   -5.608  1.00 30.29 ? 14  DG  A C8    1 
ATOM   287 N N7    . DG  A 1 14 ? 1.614   0.658   -4.616  1.00 30.22 ? 14  DG  A N7    1 
ATOM   288 C C5    . DG  A 1 14 ? 1.418   1.970   -4.211  1.00 30.73 ? 14  DG  A C5    1 
ATOM   289 C C6    . DG  A 1 14 ? 0.613   2.501   -3.174  1.00 31.05 ? 14  DG  A C6    1 
ATOM   290 O O6    . DG  A 1 14 ? -0.128  1.899   -2.390  1.00 34.05 ? 14  DG  A O6    1 
ATOM   291 N N1    . DG  A 1 14 ? 0.713   3.885   -3.108  1.00 31.07 ? 14  DG  A N1    1 
ATOM   292 C C2    . DG  A 1 14 ? 1.489   4.661   -3.930  1.00 29.51 ? 14  DG  A C2    1 
ATOM   293 N N2    . DG  A 1 14 ? 1.465   5.976   -3.700  1.00 29.21 ? 14  DG  A N2    1 
ATOM   294 N N3    . DG  A 1 14 ? 2.238   4.180   -4.902  1.00 30.60 ? 14  DG  A N3    1 
ATOM   295 C C4    . DG  A 1 14 ? 2.155   2.836   -4.985  1.00 30.08 ? 14  DG  A C4    1 
ATOM   296 P P     . DG  A 1 15 ? 8.257   1.270   -6.651  1.00 41.76 ? 15  DG  A P     1 
ATOM   297 O OP1   . DG  A 1 15 ? 9.462   1.053   -7.490  1.00 41.18 ? 15  DG  A OP1   1 
ATOM   298 O OP2   . DG  A 1 15 ? 7.883   0.267   -5.620  1.00 38.79 ? 15  DG  A OP2   1 
ATOM   299 O "O5'" . DG  A 1 15 ? 8.396   2.657   -5.884  1.00 41.40 ? 15  DG  A "O5'" 1 
ATOM   300 C "C5'" . DG  A 1 15 ? 8.172   3.917   -6.534  1.00 41.54 ? 15  DG  A "C5'" 1 
ATOM   301 C "C4'" . DG  A 1 15 ? 8.104   5.013   -5.499  1.00 41.44 ? 15  DG  A "C4'" 1 
ATOM   302 O "O4'" . DG  A 1 15 ? 6.847   4.940   -4.787  1.00 40.03 ? 15  DG  A "O4'" 1 
ATOM   303 C "C3'" . DG  A 1 15 ? 9.188   4.944   -4.428  1.00 43.98 ? 15  DG  A "C3'" 1 
ATOM   304 O "O3'" . DG  A 1 15 ? 9.587   6.279   -4.096  1.00 49.58 ? 15  DG  A "O3'" 1 
ATOM   305 C "C2'" . DG  A 1 15 ? 8.491   4.245   -3.274  1.00 41.44 ? 15  DG  A "C2'" 1 
ATOM   306 C "C1'" . DG  A 1 15 ? 7.076   4.774   -3.395  1.00 37.95 ? 15  DG  A "C1'" 1 
ATOM   307 N N9    . DG  A 1 15 ? 6.014   3.917   -2.871  1.00 34.56 ? 15  DG  A N9    1 
ATOM   308 C C8    . DG  A 1 15 ? 5.775   2.601   -3.181  1.00 32.42 ? 15  DG  A C8    1 
ATOM   309 N N7    . DG  A 1 15 ? 4.728   2.114   -2.578  1.00 30.86 ? 15  DG  A N7    1 
ATOM   310 C C5    . DG  A 1 15 ? 4.235   3.177   -1.835  1.00 31.21 ? 15  DG  A C5    1 
ATOM   311 C C6    . DG  A 1 15 ? 3.109   3.255   -0.978  1.00 30.42 ? 15  DG  A C6    1 
ATOM   312 O O6    . DG  A 1 15 ? 2.285   2.379   -0.703  1.00 29.20 ? 15  DG  A O6    1 
ATOM   313 N N1    . DG  A 1 15 ? 2.984   4.519   -0.416  1.00 31.94 ? 15  DG  A N1    1 
ATOM   314 C C2    . DG  A 1 15 ? 3.827   5.574   -0.650  1.00 31.94 ? 15  DG  A C2    1 
ATOM   315 N N2    . DG  A 1 15 ? 3.539   6.713   -0.008  1.00 33.37 ? 15  DG  A N2    1 
ATOM   316 N N3    . DG  A 1 15 ? 4.872   5.518   -1.455  1.00 32.84 ? 15  DG  A N3    1 
ATOM   317 C C4    . DG  A 1 15 ? 5.016   4.298   -2.010  1.00 32.18 ? 15  DG  A C4    1 
ATOM   318 P P     . DT  A 1 16 ? 11.102  6.678   -3.785  1.00 52.40 ? 16  DT  A P     1 
ATOM   319 O OP1   . DT  A 1 16 ? 11.678  5.677   -2.855  1.00 52.34 ? 16  DT  A OP1   1 
ATOM   320 O OP2   . DT  A 1 16 ? 11.074  8.097   -3.393  1.00 54.33 ? 16  DT  A OP2   1 
ATOM   321 O "O5'" . DT  A 1 16 ? 11.784  6.521   -5.214  1.00 58.55 ? 16  DT  A "O5'" 1 
ATOM   322 C "C5'" . DT  A 1 16 ? 12.517  7.604   -5.822  1.00 68.86 ? 16  DT  A "C5'" 1 
ATOM   323 C "C4'" . DT  A 1 16 ? 13.413  7.091   -6.928  1.00 75.04 ? 16  DT  A "C4'" 1 
ATOM   324 O "O4'" . DT  A 1 16 ? 14.783  7.438   -6.618  1.00 79.44 ? 16  DT  A "O4'" 1 
ATOM   325 C "C3'" . DT  A 1 16 ? 13.400  5.577   -7.137  1.00 78.76 ? 16  DT  A "C3'" 1 
ATOM   326 O "O3'" . DT  A 1 16 ? 13.553  5.211   -8.516  1.00 83.73 ? 16  DT  A "O3'" 1 
ATOM   327 C "C2'" . DT  A 1 16 ? 14.580  5.096   -6.312  1.00 82.53 ? 16  DT  A "C2'" 1 
ATOM   328 C "C1'" . DT  A 1 16 ? 15.544  6.276   -6.310  1.00 81.78 ? 16  DT  A "C1'" 1 
ATOM   329 N N1    . DT  A 1 16 ? 16.193  6.497   -5.004  1.00 86.58 ? 16  DT  A N1    1 
ATOM   330 C C2    . DT  A 1 16 ? 17.542  6.777   -4.966  1.00 89.49 ? 16  DT  A C2    1 
ATOM   331 O O2    . DT  A 1 16 ? 18.235  6.867   -5.967  1.00 90.64 ? 16  DT  A O2    1 
ATOM   332 N N3    . DT  A 1 16 ? 18.053  6.957   -3.703  1.00 91.15 ? 16  DT  A N3    1 
ATOM   333 C C4    . DT  A 1 16 ? 17.366  6.883   -2.505  1.00 89.12 ? 16  DT  A C4    1 
ATOM   334 O O4    . DT  A 1 16 ? 17.961  7.071   -1.447  1.00 88.78 ? 16  DT  A O4    1 
ATOM   335 C C5    . DT  A 1 16 ? 15.957  6.579   -2.620  1.00 86.64 ? 16  DT  A C5    1 
ATOM   336 C C7    . DT  A 1 16 ? 15.131  6.474   -1.377  1.00 84.32 ? 16  DT  A C7    1 
ATOM   337 C C6    . DT  A 1 16 ? 15.449  6.403   -3.847  1.00 84.45 ? 16  DT  A C6    1 
ATOM   338 P P     . DT  A 1 17 ? 13.414  3.684   -9.035  1.00 86.17 ? 17  DT  A P     1 
ATOM   339 O OP1   . DT  A 1 17 ? 13.811  2.705   -7.984  1.00 81.98 ? 17  DT  A OP1   1 
ATOM   340 O OP2   . DT  A 1 17 ? 14.053  3.609   -10.375 1.00 85.85 ? 17  DT  A OP2   1 
ATOM   341 O "O5'" . DT  A 1 17 ? 11.841  3.524   -9.234  1.00 87.93 ? 17  DT  A "O5'" 1 
ATOM   342 C "C5'" . DT  A 1 17 ? 11.200  3.913   -10.465 1.00 85.30 ? 17  DT  A "C5'" 1 
ATOM   343 C "C4'" . DT  A 1 17 ? 9.782   4.358   -10.197 1.00 80.68 ? 17  DT  A "C4'" 1 
ATOM   344 O "O4'" . DT  A 1 17 ? 9.796   5.381   -9.175  1.00 75.19 ? 17  DT  A "O4'" 1 
ATOM   345 C "C3'" . DT  A 1 17 ? 9.070   4.959   -11.411 1.00 83.54 ? 17  DT  A "C3'" 1 
ATOM   346 O "O3'" . DT  A 1 17 ? 7.805   4.340   -11.709 1.00 87.86 ? 17  DT  A "O3'" 1 
ATOM   347 C "C2'" . DT  A 1 17 ? 9.008   6.448   -11.121 1.00 81.91 ? 17  DT  A "C2'" 1 
ATOM   348 C "C1'" . DT  A 1 17 ? 9.124   6.545   -9.610  1.00 77.57 ? 17  DT  A "C1'" 1 
ATOM   349 N N1    . DT  A 1 17 ? 9.902   7.706   -9.158  1.00 77.22 ? 17  DT  A N1    1 
ATOM   350 C C2    . DT  A 1 17 ? 9.547   8.313   -7.975  1.00 73.16 ? 17  DT  A C2    1 
ATOM   351 O O2    . DT  A 1 17 ? 8.624   7.925   -7.278  1.00 67.85 ? 17  DT  A O2    1 
ATOM   352 N N3    . DT  A 1 17 ? 10.317  9.398   -7.636  1.00 76.71 ? 17  DT  A N3    1 
ATOM   353 C C4    . DT  A 1 17 ? 11.385  9.921   -8.343  1.00 77.38 ? 17  DT  A C4    1 
ATOM   354 O O4    . DT  A 1 17 ? 11.988  10.898  -7.908  1.00 76.12 ? 17  DT  A O4    1 
ATOM   355 C C5    . DT  A 1 17 ? 11.699  9.235   -9.578  1.00 79.61 ? 17  DT  A C5    1 
ATOM   356 C C7    . DT  A 1 17 ? 12.835  9.729   -10.416 1.00 80.93 ? 17  DT  A C7    1 
ATOM   357 C C6    . DT  A 1 17 ? 10.951  8.178   -9.917  1.00 80.38 ? 17  DT  A C6    1 
ATOM   358 P P     . DA  A 1 18 ? 6.409   4.412   -10.912 1.00 85.16 ? 18  DA  A P     1 
ATOM   359 O OP1   . DA  A 1 18 ? 6.676   3.847   -9.566  1.00 91.09 ? 18  DA  A OP1   1 
ATOM   360 O OP2   . DA  A 1 18 ? 5.382   3.781   -11.776 1.00 79.12 ? 18  DA  A OP2   1 
ATOM   361 O "O5'" . DA  A 1 18 ? 6.014   5.948   -10.754 1.00 80.73 ? 18  DA  A "O5'" 1 
ATOM   362 C "C5'" . DA  A 1 18 ? 5.817   6.516   -9.444  1.00 77.10 ? 18  DA  A "C5'" 1 
ATOM   363 C "C4'" . DA  A 1 18 ? 5.258   7.917   -9.533  1.00 73.69 ? 18  DA  A "C4'" 1 
ATOM   364 O "O4'" . DA  A 1 18 ? 6.312   8.902   -9.410  1.00 77.40 ? 18  DA  A "O4'" 1 
ATOM   365 C "C3'" . DA  A 1 18 ? 4.506   8.255   -10.824 1.00 69.06 ? 18  DA  A "C3'" 1 
ATOM   366 O "O3'" . DA  A 1 18 ? 3.296   8.950   -10.505 1.00 59.32 ? 18  DA  A "O3'" 1 
ATOM   367 C "C2'" . DA  A 1 18 ? 5.418   9.255   -11.512 1.00 76.44 ? 18  DA  A "C2'" 1 
ATOM   368 C "C1'" . DA  A 1 18 ? 6.020   9.953   -10.309 1.00 79.94 ? 18  DA  A "C1'" 1 
ATOM   369 N N9    . DA  A 1 18 ? 7.250   10.712  -10.541 1.00 84.36 ? 18  DA  A N9    1 
ATOM   370 C C8    . DA  A 1 18 ? 7.844   11.601  -9.679  1.00 83.05 ? 18  DA  A C8    1 
ATOM   371 N N7    . DA  A 1 18 ? 8.937   12.146  -10.154 1.00 88.21 ? 18  DA  A N7    1 
ATOM   372 C C5    . DA  A 1 18 ? 9.069   11.585  -11.417 1.00 89.29 ? 18  DA  A C5    1 
ATOM   373 C C6    . DA  A 1 18 ? 10.028  11.752  -12.433 1.00 91.26 ? 18  DA  A C6    1 
ATOM   374 N N6    . DA  A 1 18 ? 11.078  12.569  -12.332 1.00 99.60 ? 18  DA  A N6    1 
ATOM   375 N N1    . DA  A 1 18 ? 9.866   11.045  -13.572 1.00 90.31 ? 18  DA  A N1    1 
ATOM   376 C C2    . DA  A 1 18 ? 8.810   10.229  -13.674 1.00 92.88 ? 18  DA  A C2    1 
ATOM   377 N N3    . DA  A 1 18 ? 7.844   9.985   -12.791 1.00 90.89 ? 18  DA  A N3    1 
ATOM   378 C C4    . DA  A 1 18 ? 8.034   10.703  -11.670 1.00 87.69 ? 18  DA  A C4    1 
ATOM   379 P P     . DG  A 1 19 ? 2.018   8.357   -9.761  1.00 52.78 ? 19  DG  A P     1 
ATOM   380 O OP1   . DG  A 1 19 ? 2.324   7.030   -9.167  1.00 52.66 ? 19  DG  A OP1   1 
ATOM   381 O OP2   . DG  A 1 19 ? 0.894   8.494   -10.719 1.00 50.73 ? 19  DG  A OP2   1 
ATOM   382 O "O5'" . DG  A 1 19 ? 1.832   9.381   -8.554  1.00 49.27 ? 19  DG  A "O5'" 1 
ATOM   383 C "C5'" . DG  A 1 19 ? 1.125   10.627  -8.703  1.00 44.71 ? 19  DG  A "C5'" 1 
ATOM   384 C "C4'" . DG  A 1 19 ? 0.447   11.012  -7.408  1.00 42.55 ? 19  DG  A "C4'" 1 
ATOM   385 O "O4'" . DG  A 1 19 ? -0.509  9.992   -7.029  1.00 42.60 ? 19  DG  A "O4'" 1 
ATOM   386 C "C3'" . DG  A 1 19 ? 1.373   11.180  -6.198  1.00 43.85 ? 19  DG  A "C3'" 1 
ATOM   387 O "O3'" . DG  A 1 19 ? 0.905   12.275  -5.403  1.00 44.94 ? 19  DG  A "O3'" 1 
ATOM   388 C "C2'" . DG  A 1 19 ? 1.162   9.896   -5.417  1.00 41.47 ? 19  DG  A "C2'" 1 
ATOM   389 C "C1'" . DG  A 1 19 ? -0.310  9.671   -5.666  1.00 39.77 ? 19  DG  A "C1'" 1 
ATOM   390 N N9    . DG  A 1 19 ? -0.765  8.306   -5.448  1.00 37.81 ? 19  DG  A N9    1 
ATOM   391 C C8    . DG  A 1 19 ? -0.422  7.185   -6.165  1.00 37.30 ? 19  DG  A C8    1 
ATOM   392 N N7    . DG  A 1 19 ? -0.977  6.096   -5.710  1.00 37.93 ? 19  DG  A N7    1 
ATOM   393 C C5    . DG  A 1 19 ? -1.735  6.524   -4.628  1.00 36.57 ? 19  DG  A C5    1 
ATOM   394 C C6    . DG  A 1 19 ? -2.560  5.793   -3.737  1.00 36.38 ? 19  DG  A C6    1 
ATOM   395 O O6    . DG  A 1 19 ? -2.813  4.584   -3.738  1.00 39.02 ? 19  DG  A O6    1 
ATOM   396 N N1    . DG  A 1 19 ? -3.138  6.620   -2.780  1.00 34.69 ? 19  DG  A N1    1 
ATOM   397 C C2    . DG  A 1 19 ? -2.941  7.973   -2.683  1.00 36.47 ? 19  DG  A C2    1 
ATOM   398 N N2    . DG  A 1 19 ? -3.598  8.596   -1.695  1.00 38.21 ? 19  DG  A N2    1 
ATOM   399 N N3    . DG  A 1 19 ? -2.176  8.667   -3.506  1.00 37.76 ? 19  DG  A N3    1 
ATOM   400 C C4    . DG  A 1 19 ? -1.608  7.885   -4.450  1.00 37.73 ? 19  DG  A C4    1 
ATOM   401 P P     . DG  A 1 20 ? 1.521   12.719  -4.005  1.00 44.50 ? 20  DG  A P     1 
ATOM   402 O OP1   . DG  A 1 20 ? 1.341   14.185  -3.958  1.00 46.73 ? 20  DG  A OP1   1 
ATOM   403 O OP2   . DG  A 1 20 ? 2.864   12.128  -3.803  1.00 43.01 ? 20  DG  A OP2   1 
ATOM   404 O "O5'" . DG  A 1 20 ? 0.538   12.097  -2.922  1.00 44.59 ? 20  DG  A "O5'" 1 
ATOM   405 C "C5'" . DG  A 1 20 ? -0.510  12.881  -2.345  1.00 41.61 ? 20  DG  A "C5'" 1 
ATOM   406 C "C4'" . DG  A 1 20 ? -0.625  12.596  -0.867  1.00 40.49 ? 20  DG  A "C4'" 1 
ATOM   407 O "O4'" . DG  A 1 20 ? -1.055  11.234  -0.659  1.00 40.09 ? 20  DG  A "O4'" 1 
ATOM   408 C "C3'" . DG  A 1 20 ? 0.658   12.771  -0.055  1.00 40.68 ? 20  DG  A "C3'" 1 
ATOM   409 O "O3'" . DG  A 1 20 ? 0.297   13.536  1.097   1.00 43.08 ? 20  DG  A "O3'" 1 
ATOM   410 C "C2'" . DG  A 1 20 ? 1.109   11.346  0.233   1.00 38.81 ? 20  DG  A "C2'" 1 
ATOM   411 C "C1'" . DG  A 1 20 ? -0.196  10.576  0.260   1.00 37.12 ? 20  DG  A "C1'" 1 
ATOM   412 N N9    . DG  A 1 20 ? -0.119  9.181   -0.152  1.00 34.75 ? 20  DG  A N9    1 
ATOM   413 C C8    . DG  A 1 20 ? 0.582   8.673   -1.217  1.00 33.92 ? 20  DG  A C8    1 
ATOM   414 N N7    . DG  A 1 20 ? 0.397   7.394   -1.390  1.00 33.50 ? 20  DG  A N7    1 
ATOM   415 C C5    . DG  A 1 20 ? -0.500  7.040   -0.393  1.00 32.62 ? 20  DG  A C5    1 
ATOM   416 C C6    . DG  A 1 20 ? -1.069  5.784   -0.076  1.00 33.21 ? 20  DG  A C6    1 
ATOM   417 O O6    . DG  A 1 20 ? -0.892  4.693   -0.631  1.00 36.26 ? 20  DG  A O6    1 
ATOM   418 N N1    . DG  A 1 20 ? -1.928  5.873   1.014   1.00 32.95 ? 20  DG  A N1    1 
ATOM   419 C C2    . DG  A 1 20 ? -2.207  7.021   1.707   1.00 30.18 ? 20  DG  A C2    1 
ATOM   420 N N2    . DG  A 1 20 ? -3.072  6.900   2.718   1.00 30.43 ? 20  DG  A N2    1 
ATOM   421 N N3    . DG  A 1 20 ? -1.690  8.199   1.417   1.00 31.50 ? 20  DG  A N3    1 
ATOM   422 C C4    . DG  A 1 20 ? -0.840  8.134   0.371   1.00 33.00 ? 20  DG  A C4    1 
ATOM   423 P P     . DG  A 1 21 ? 1.139   13.649  2.442   1.00 44.19 ? 21  DG  A P     1 
ATOM   424 O OP1   . DG  A 1 21 ? 0.607   14.835  3.138   1.00 45.12 ? 21  DG  A OP1   1 
ATOM   425 O OP2   . DG  A 1 21 ? 2.573   13.567  2.079   1.00 43.61 ? 21  DG  A OP2   1 
ATOM   426 O "O5'" . DG  A 1 21 ? 0.744   12.396  3.342   1.00 41.39 ? 21  DG  A "O5'" 1 
ATOM   427 C "C5'" . DG  A 1 21 ? -0.468  12.380  4.118   1.00 36.96 ? 21  DG  A "C5'" 1 
ATOM   428 C "C4'" . DG  A 1 21 ? -0.334  11.403  5.263   1.00 34.60 ? 21  DG  A "C4'" 1 
ATOM   429 O "O4'" . DG  A 1 21 ? -0.357  10.056  4.750   1.00 34.53 ? 21  DG  A "O4'" 1 
ATOM   430 C "C3'" . DG  A 1 21 ? 0.964   11.513  6.061   1.00 32.97 ? 21  DG  A "C3'" 1 
ATOM   431 O "O3'" . DG  A 1 21 ? 0.668   11.279  7.434   1.00 33.32 ? 21  DG  A "O3'" 1 
ATOM   432 C "C2'" . DG  A 1 21 ? 1.801   10.362  5.538   1.00 32.62 ? 21  DG  A "C2'" 1 
ATOM   433 C "C1'" . DG  A 1 21 ? 0.734   9.328   5.295   1.00 31.69 ? 21  DG  A "C1'" 1 
ATOM   434 N N9    . DG  A 1 21 ? 1.071   8.276   4.345   1.00 30.08 ? 21  DG  A N9    1 
ATOM   435 C C8    . DG  A 1 21 ? 1.857   8.385   3.226   1.00 29.60 ? 21  DG  A C8    1 
ATOM   436 N N7    . DG  A 1 21 ? 1.923   7.279   2.537   1.00 28.98 ? 21  DG  A N7    1 
ATOM   437 C C5    . DG  A 1 21 ? 1.101   6.398   3.226   1.00 28.88 ? 21  DG  A C5    1 
ATOM   438 C C6    . DG  A 1 21 ? 0.767   5.053   2.950   1.00 28.60 ? 21  DG  A C6    1 
ATOM   439 O O6    . DG  A 1 21 ? 1.140   4.345   2.011   1.00 30.23 ? 21  DG  A O6    1 
ATOM   440 N N1    . DG  A 1 21 ? -0.104  4.538   3.901   1.00 28.51 ? 21  DG  A N1    1 
ATOM   441 C C2    . DG  A 1 21 ? -0.582  5.223   4.988   1.00 26.80 ? 21  DG  A C2    1 
ATOM   442 N N2    . DG  A 1 21 ? -1.399  4.545   5.804   1.00 26.34 ? 21  DG  A N2    1 
ATOM   443 N N3    . DG  A 1 21 ? -0.286  6.481   5.250   1.00 27.83 ? 21  DG  A N3    1 
ATOM   444 C C4    . DG  A 1 21 ? 0.560   7.002   4.337   1.00 28.64 ? 21  DG  A C4    1 
HETATM 445 K K     . K   B 2 .  ? -0.035  2.210   0.766   1.00 29.79 ? 101 K   A K     1 
HETATM 446 K K     . K   C 2 .  ? -2.645  2.743   -1.315  1.00 26.37 ? 102 K   A K     1 
HETATM 447 K K     . K   D 2 .  ? -5.442  3.150   -3.319  0.50 19.52 ? 103 K   A K     1 
HETATM 448 C CAA   . 0DX E 3 .  ? -3.580  5.947   13.119  1.00 49.45 ? 104 0DX A CAA   1 
HETATM 449 C CAB   . 0DX E 3 .  ? 8.222   -5.721  -5.330  1.00 38.28 ? 104 0DX A CAB   1 
HETATM 450 O OAE   . 0DX E 3 .  ? 2.406   -4.282  4.983   1.00 27.84 ? 104 0DX A OAE   1 
HETATM 451 O OAF   . 0DX E 3 .  ? 2.959   3.744   4.100   1.00 27.48 ? 104 0DX A OAF   1 
HETATM 452 O OAG   . 0DX E 3 .  ? 0.560   -1.338  7.830   1.00 28.18 ? 104 0DX A OAG   1 
HETATM 453 O OAH   . 0DX E 3 .  ? 4.812   0.930   1.273   1.00 28.71 ? 104 0DX A OAH   1 
HETATM 454 C CAI   . 0DX E 3 .  ? 3.410   -2.346  3.406   1.00 25.80 ? 104 0DX A CAI   1 
HETATM 455 C CAJ   . 0DX E 3 .  ? 1.959   1.891   5.658   1.00 26.27 ? 104 0DX A CAJ   1 
HETATM 456 C CAK   . 0DX E 3 .  ? 0.730   3.037   9.184   1.00 37.08 ? 104 0DX A CAK   1 
HETATM 457 C CAL   . 0DX E 3 .  ? 6.186   -2.756  0.100   1.00 28.71 ? 104 0DX A CAL   1 
HETATM 458 C CAM   . 0DX E 3 .  ? 1.841   -4.764  8.042   1.00 38.43 ? 104 0DX A CAM   1 
HETATM 459 C CAN   . 0DX E 3 .  ? 5.309   4.484   2.722   1.00 33.54 ? 104 0DX A CAN   1 
HETATM 460 C CAO   . 0DX E 3 .  ? 0.292   2.504   7.825   1.00 32.69 ? 104 0DX A CAO   1 
HETATM 461 C CAP   . 0DX E 3 .  ? 5.250   -2.795  1.297   1.00 27.06 ? 104 0DX A CAP   1 
HETATM 462 C CAQ   . 0DX E 3 .  ? -0.099  2.457   10.349  1.00 43.38 ? 104 0DX A CAQ   1 
HETATM 463 C CAR   . 0DX E 3 .  ? 6.695   -4.174  -0.126  1.00 30.85 ? 104 0DX A CAR   1 
HETATM 464 C CAS   . 0DX E 3 .  ? 1.841   -6.085  7.255   1.00 48.41 ? 104 0DX A CAS   1 
HETATM 465 C CAT   . 0DX E 3 .  ? 6.712   4.693   2.129   1.00 37.58 ? 104 0DX A CAT   1 
HETATM 466 C CAU   . 0DX E 3 .  ? -2.097  4.042   13.156  1.00 51.11 ? 104 0DX A CAU   1 
HETATM 467 C CAV   . 0DX E 3 .  ? -2.105  5.642   11.227  1.00 49.53 ? 104 0DX A CAV   1 
HETATM 468 C CAW   . 0DX E 3 .  ? 6.819   -4.463  -3.881  1.00 37.50 ? 104 0DX A CAW   1 
HETATM 469 C CAX   . 0DX E 3 .  ? 8.655   -5.739  -2.970  1.00 36.01 ? 104 0DX A CAX   1 
HETATM 470 C CAY   . 0DX E 3 .  ? -1.618  -7.767  7.384   1.00 57.77 ? 104 0DX A CAY   1 
HETATM 471 C CAZ   . 0DX E 3 .  ? 0.152   -9.466  7.218   1.00 59.98 ? 104 0DX A CAZ   1 
HETATM 472 C CBA   . 0DX E 3 .  ? 9.146   6.126   4.648   1.00 42.29 ? 104 0DX A CBA   1 
HETATM 473 C CBB   . 0DX E 3 .  ? 9.430   7.275   2.541   1.00 43.60 ? 104 0DX A CBB   1 
HETATM 474 C CBC   . 0DX E 3 .  ? -0.873  3.333   12.528  1.00 48.44 ? 104 0DX A CBC   1 
HETATM 475 C CBD   . 0DX E 3 .  ? -0.913  4.859   10.638  1.00 49.08 ? 104 0DX A CBD   1 
HETATM 476 C CBE   . 0DX E 3 .  ? 6.194   -4.343  -2.489  1.00 35.33 ? 104 0DX A CBE   1 
HETATM 477 C CBF   . 0DX E 3 .  ? 8.073   -5.539  -1.549  1.00 34.90 ? 104 0DX A CBF   1 
HETATM 478 C CBG   . 0DX E 3 .  ? -0.586  -6.662  7.157   1.00 54.68 ? 104 0DX A CBG   1 
HETATM 479 C CBH   . 0DX E 3 .  ? 1.204   -8.371  7.009   1.00 55.44 ? 104 0DX A CBH   1 
HETATM 480 C CBI   . 0DX E 3 .  ? 8.236   5.138   3.929   1.00 42.60 ? 104 0DX A CBI   1 
HETATM 481 C CBJ   . 0DX E 3 .  ? 8.416   6.359   1.847   1.00 41.61 ? 104 0DX A CBJ   1 
HETATM 482 C CBK   . 0DX E 3 .  ? 0.854   -3.850  7.349   1.00 32.54 ? 104 0DX A CBK   1 
HETATM 483 C CBL   . 0DX E 3 .  ? 4.443   3.503   1.885   1.00 29.94 ? 104 0DX A CBL   1 
HETATM 484 N NBM   . 0DX E 3 .  ? 0.753   1.120   7.541   1.00 29.98 ? 104 0DX A NBM   1 
HETATM 485 N NBN   . 0DX E 3 .  ? 4.633   -1.485  1.558   1.00 26.43 ? 104 0DX A NBN   1 
HETATM 486 C CBO   . 0DX E 3 .  ? 1.454   0.854   6.432   1.00 27.66 ? 104 0DX A CBO   1 
HETATM 487 C CBP   . 0DX E 3 .  ? 3.900   -1.286  2.649   1.00 26.30 ? 104 0DX A CBP   1 
HETATM 488 C CBQ   . 0DX E 3 .  ? 2.170   -3.123  5.329   1.00 28.61 ? 104 0DX A CBQ   1 
HETATM 489 C CBR   . 0DX E 3 .  ? 3.192   2.602   3.770   1.00 26.77 ? 104 0DX A CBR   1 
HETATM 490 C CBS   . 0DX E 3 .  ? 1.202   -1.553  6.816   1.00 27.92 ? 104 0DX A CBS   1 
HETATM 491 C CBT   . 0DX E 3 .  ? 4.144   1.114   2.283   1.00 27.22 ? 104 0DX A CBT   1 
HETATM 492 C CBU   . 0DX E 3 .  ? 2.671   -2.081  4.544   1.00 26.92 ? 104 0DX A CBU   1 
HETATM 493 C CBV   . 0DX E 3 .  ? 2.691   1.587   4.530   1.00 26.08 ? 104 0DX A CBV   1 
HETATM 494 C CBW   . 0DX E 3 .  ? 1.690   -0.482  6.071   1.00 27.55 ? 104 0DX A CBW   1 
HETATM 495 C CBX   . 0DX E 3 .  ? 3.652   0.035   3.008   1.00 26.56 ? 104 0DX A CBX   1 
HETATM 496 C CBY   . 0DX E 3 .  ? 2.430   -0.763  4.919   1.00 27.03 ? 104 0DX A CBY   1 
HETATM 497 C CBZ   . 0DX E 3 .  ? 2.918   0.285   4.150   1.00 26.48 ? 104 0DX A CBZ   1 
HETATM 498 N NCA   . 0DX E 3 .  ? -2.267  5.441   12.687  1.00 50.74 ? 104 0DX A NCA   1 
HETATM 499 N NCB   . 0DX E 3 .  ? 7.605   -5.707  -4.001  1.00 37.21 ? 104 0DX A NCB   1 
HETATM 500 O OCC   . 0DX E 3 .  ? -1.161  -9.010  6.762   1.00 61.55 ? 104 0DX A OCC   1 
HETATM 501 O OCD   . 0DX E 3 .  ? 10.074  6.619   3.691   1.00 44.13 ? 104 0DX A OCD   1 
HETATM 502 N NCE   . 0DX E 3 .  ? -0.957  3.441   11.066  1.00 48.18 ? 104 0DX A NCE   1 
HETATM 503 N NCF   . 0DX E 3 .  ? 7.262   -4.311  -1.465  1.00 34.36 ? 104 0DX A NCF   1 
HETATM 504 N NCG   . 0DX E 3 .  ? 0.781   -7.072  7.598   1.00 55.00 ? 104 0DX A NCG   1 
HETATM 505 N NCH   . 0DX E 3 .  ? 7.486   5.748   2.816   1.00 40.76 ? 104 0DX A NCH   1 
HETATM 506 N NCI   . 0DX E 3 .  ? 1.448   -2.828  6.461   1.00 29.44 ? 104 0DX A NCI   1 
HETATM 507 N NCJ   . 0DX E 3 .  ? 3.911   2.368   2.678   1.00 27.29 ? 104 0DX A NCJ   1 
HETATM 508 O O     . HOH F 4 .  ? 3.652   9.912   -2.152  1.00 29.19 ? 201 HOH A O     1 
HETATM 509 O O     . HOH F 4 .  ? 8.853   3.678   -0.127  1.00 46.02 ? 202 HOH A O     1 
HETATM 510 O O     . HOH F 4 .  ? 2.620   -4.030  -4.537  1.00 34.68 ? 203 HOH A O     1 
HETATM 511 O O     . HOH F 4 .  ? -0.183  -6.621  -5.900  1.00 60.81 ? 204 HOH A O     1 
HETATM 512 O O     . HOH F 4 .  ? -0.301  -10.339 -5.707  1.00 50.32 ? 205 HOH A O     1 
HETATM 513 O O     . HOH F 4 .  ? -3.096  10.932  1.375   1.00 40.33 ? 206 HOH A O     1 
HETATM 514 O O     . HOH F 4 .  ? -2.955  8.629   5.322   1.00 25.53 ? 207 HOH A O     1 
HETATM 515 O O     . HOH F 4 .  ? -7.889  -2.122  4.818   1.00 31.06 ? 208 HOH A O     1 
HETATM 516 O O     A HOH F 4 .  ? -3.964  -5.117  3.835   0.50 17.75 ? 209 HOH A O     1 
HETATM 517 O O     B HOH F 4 .  ? -4.453  -3.875  4.937   0.50 14.54 ? 209 HOH A O     1 
HETATM 518 O O     . HOH F 4 .  ? 0.562   -7.199  2.532   1.00 28.07 ? 210 HOH A O     1 
HETATM 519 O O     . HOH F 4 .  ? -1.017  -5.819  4.081   1.00 28.03 ? 211 HOH A O     1 
HETATM 520 O O     . HOH F 4 .  ? 3.544   -6.340  3.597   1.00 36.23 ? 212 HOH A O     1 
HETATM 521 O O     . HOH F 4 .  ? -10.194 3.280   4.145   1.00 35.42 ? 213 HOH A O     1 
HETATM 522 O O     . HOH F 4 .  ? -10.826 -0.582  3.919   1.00 39.53 ? 214 HOH A O     1 
HETATM 523 O O     . HOH F 4 .  ? -13.397 -0.658  5.259   1.00 43.68 ? 215 HOH A O     1 
HETATM 524 O O     . HOH F 4 .  ? -2.309  -5.696  -3.855  1.00 36.72 ? 216 HOH A O     1 
HETATM 525 O O     . HOH F 4 .  ? -11.313 3.533   6.411   1.00 34.76 ? 217 HOH A O     1 
HETATM 526 O O     . HOH F 4 .  ? 5.393   10.297  -7.013  1.00 38.52 ? 218 HOH A O     1 
HETATM 527 O O     . HOH F 4 .  ? 4.251   10.861  2.591   1.00 42.91 ? 219 HOH A O     1 
HETATM 528 O O     . HOH F 4 .  ? -1.026  7.481   8.252   1.00 47.35 ? 220 HOH A O     1 
HETATM 529 O O     . HOH F 4 .  ? 3.234   -7.549  -7.369  1.00 51.50 ? 221 HOH A O     1 
HETATM 530 O O     . HOH F 4 .  ? 2.581   -10.277 -5.620  1.00 44.23 ? 222 HOH A O     1 
HETATM 531 O O     . HOH F 4 .  ? -4.556  -12.971 -4.816  1.00 39.40 ? 223 HOH A O     1 
HETATM 532 O O     . HOH F 4 .  ? 5.124   -6.737  -5.399  1.00 49.85 ? 224 HOH A O     1 
HETATM 533 O O     . HOH F 4 .  ? 7.225   1.578   -0.111  1.00 39.25 ? 225 HOH A O     1 
# 
loop_
_pdbx_poly_seq_scheme.asym_id 
_pdbx_poly_seq_scheme.entity_id 
_pdbx_poly_seq_scheme.seq_id 
_pdbx_poly_seq_scheme.mon_id 
_pdbx_poly_seq_scheme.ndb_seq_num 
_pdbx_poly_seq_scheme.pdb_seq_num 
_pdbx_poly_seq_scheme.auth_seq_num 
_pdbx_poly_seq_scheme.pdb_mon_id 
_pdbx_poly_seq_scheme.auth_mon_id 
_pdbx_poly_seq_scheme.pdb_strand_id 
_pdbx_poly_seq_scheme.pdb_ins_code 
_pdbx_poly_seq_scheme.hetero 
A 1 1  DG 1  1  1  DG DG A . n 
A 1 2  DG 2  2  2  DG DG A . n 
A 1 3  DG 3  3  3  DG DG A . n 
A 1 4  DT 4  4  4  DT DT A . n 
A 1 5  DT 5  5  5  DT DT A . n 
A 1 6  DA 6  6  6  DA DA A . n 
A 1 7  DG 7  7  7  DG DG A . n 
A 1 8  DG 8  8  8  DG DG A . n 
A 1 9  DG 9  9  9  DG DG A . n 
A 1 10 DT 10 10 10 DT DT A . n 
A 1 11 DT 11 11 11 DT DT A . n 
A 1 12 DA 12 12 12 DA DA A . n 
A 1 13 DG 13 13 13 DG DG A . n 
A 1 14 DG 14 14 14 DG DG A . n 
A 1 15 DG 15 15 15 DG DG A . n 
A 1 16 DT 16 16 16 DT DT A . n 
A 1 17 DT 17 17 17 DT DT A . n 
A 1 18 DA 18 18 18 DA DA A . n 
A 1 19 DG 19 19 19 DG DG A . n 
A 1 20 DG 20 20 20 DG DG A . n 
A 1 21 DG 21 21 21 DG DG A . n 
# 
loop_
_pdbx_nonpoly_scheme.asym_id 
_pdbx_nonpoly_scheme.entity_id 
_pdbx_nonpoly_scheme.mon_id 
_pdbx_nonpoly_scheme.ndb_seq_num 
_pdbx_nonpoly_scheme.pdb_seq_num 
_pdbx_nonpoly_scheme.auth_seq_num 
_pdbx_nonpoly_scheme.pdb_mon_id 
_pdbx_nonpoly_scheme.auth_mon_id 
_pdbx_nonpoly_scheme.pdb_strand_id 
_pdbx_nonpoly_scheme.pdb_ins_code 
B 2 K   1  101 1  K   K   A . 
C 2 K   1  102 2  K   K   A . 
D 2 K   1  103 3  K   K   A . 
E 3 0DX 1  104 23 0DX DRG A . 
F 4 HOH 1  201 1  HOH HOH A . 
F 4 HOH 2  202 2  HOH HOH A . 
F 4 HOH 3  203 3  HOH HOH A . 
F 4 HOH 4  204 4  HOH HOH A . 
F 4 HOH 5  205 5  HOH HOH A . 
F 4 HOH 6  206 6  HOH HOH A . 
F 4 HOH 7  207 7  HOH HOH A . 
F 4 HOH 8  208 8  HOH HOH A . 
F 4 HOH 9  209 9  HOH HOH A . 
F 4 HOH 10 210 10 HOH HOH A . 
F 4 HOH 11 211 11 HOH HOH A . 
F 4 HOH 12 212 12 HOH HOH A . 
F 4 HOH 13 213 13 HOH HOH A . 
F 4 HOH 14 214 14 HOH HOH A . 
F 4 HOH 15 215 15 HOH HOH A . 
F 4 HOH 16 216 16 HOH HOH A . 
F 4 HOH 17 217 17 HOH HOH A . 
F 4 HOH 18 218 18 HOH HOH A . 
F 4 HOH 19 219 19 HOH HOH A . 
F 4 HOH 20 220 20 HOH HOH A . 
F 4 HOH 21 221 21 HOH HOH A . 
F 4 HOH 22 222 22 HOH HOH A . 
F 4 HOH 23 223 23 HOH HOH A . 
F 4 HOH 24 224 24 HOH HOH A . 
F 4 HOH 25 225 25 HOH HOH A . 
# 
_pdbx_struct_assembly.id                   1 
_pdbx_struct_assembly.details              author_and_software_defined_assembly 
_pdbx_struct_assembly.method_details       PISA 
_pdbx_struct_assembly.oligomeric_details   monomeric 
_pdbx_struct_assembly.oligomeric_count     1 
# 
_pdbx_struct_assembly_gen.assembly_id       1 
_pdbx_struct_assembly_gen.oper_expression   1 
_pdbx_struct_assembly_gen.asym_id_list      A,B,C,D,E,F 
# 
_pdbx_struct_oper_list.id                   1 
_pdbx_struct_oper_list.type                 'identity operation' 
_pdbx_struct_oper_list.name                 1_555 
_pdbx_struct_oper_list.symmetry_operation   x,y,z 
_pdbx_struct_oper_list.matrix[1][1]         1.0000000000 
_pdbx_struct_oper_list.matrix[1][2]         0.0000000000 
_pdbx_struct_oper_list.matrix[1][3]         0.0000000000 
_pdbx_struct_oper_list.vector[1]            0.0000000000 
_pdbx_struct_oper_list.matrix[2][1]         0.0000000000 
_pdbx_struct_oper_list.matrix[2][2]         1.0000000000 
_pdbx_struct_oper_list.matrix[2][3]         0.0000000000 
_pdbx_struct_oper_list.vector[2]            0.0000000000 
_pdbx_struct_oper_list.matrix[3][1]         0.0000000000 
_pdbx_struct_oper_list.matrix[3][2]         0.0000000000 
_pdbx_struct_oper_list.matrix[3][3]         1.0000000000 
_pdbx_struct_oper_list.vector[3]            0.0000000000 
# 
_pdbx_struct_special_symmetry.id              1 
_pdbx_struct_special_symmetry.PDB_model_num   1 
_pdbx_struct_special_symmetry.auth_asym_id    A 
_pdbx_struct_special_symmetry.auth_comp_id    K 
_pdbx_struct_special_symmetry.auth_seq_id     103 
_pdbx_struct_special_symmetry.PDB_ins_code    ? 
_pdbx_struct_special_symmetry.label_asym_id   D 
_pdbx_struct_special_symmetry.label_comp_id   K 
_pdbx_struct_special_symmetry.label_seq_id    . 
# 
loop_
_pdbx_struct_conn_angle.id 
_pdbx_struct_conn_angle.ptnr1_label_atom_id 
_pdbx_struct_conn_angle.ptnr1_label_alt_id 
_pdbx_struct_conn_angle.ptnr1_label_asym_id 
_pdbx_struct_conn_angle.ptnr1_label_comp_id 
_pdbx_struct_conn_angle.ptnr1_label_seq_id 
_pdbx_struct_conn_angle.ptnr1_auth_atom_id 
_pdbx_struct_conn_angle.ptnr1_auth_asym_id 
_pdbx_struct_conn_angle.ptnr1_auth_comp_id 
_pdbx_struct_conn_angle.ptnr1_auth_seq_id 
_pdbx_struct_conn_angle.ptnr1_PDB_ins_code 
_pdbx_struct_conn_angle.ptnr1_symmetry 
_pdbx_struct_conn_angle.ptnr2_label_atom_id 
_pdbx_struct_conn_angle.ptnr2_label_alt_id 
_pdbx_struct_conn_angle.ptnr2_label_asym_id 
_pdbx_struct_conn_angle.ptnr2_label_comp_id 
_pdbx_struct_conn_angle.ptnr2_label_seq_id 
_pdbx_struct_conn_angle.ptnr2_auth_atom_id 
_pdbx_struct_conn_angle.ptnr2_auth_asym_id 
_pdbx_struct_conn_angle.ptnr2_auth_comp_id 
_pdbx_struct_conn_angle.ptnr2_auth_seq_id 
_pdbx_struct_conn_angle.ptnr2_PDB_ins_code 
_pdbx_struct_conn_angle.ptnr2_symmetry 
_pdbx_struct_conn_angle.ptnr3_label_atom_id 
_pdbx_struct_conn_angle.ptnr3_label_alt_id 
_pdbx_struct_conn_angle.ptnr3_label_asym_id 
_pdbx_struct_conn_angle.ptnr3_label_comp_id 
_pdbx_struct_conn_angle.ptnr3_label_seq_id 
_pdbx_struct_conn_angle.ptnr3_auth_atom_id 
_pdbx_struct_conn_angle.ptnr3_auth_asym_id 
_pdbx_struct_conn_angle.ptnr3_auth_comp_id 
_pdbx_struct_conn_angle.ptnr3_auth_seq_id 
_pdbx_struct_conn_angle.ptnr3_PDB_ins_code 
_pdbx_struct_conn_angle.ptnr3_symmetry 
_pdbx_struct_conn_angle.value 
_pdbx_struct_conn_angle.value_esd 
1  O6 ? A DG 1  ? A DG 1  ? 1_555 K ? C K . ? A K 102 ? 1_555 O6 ? A DG 2  ? A DG 2  ? 1_555 67.0  ? 
2  O6 ? A DG 1  ? A DG 1  ? 1_555 K ? C K . ? A K 102 ? 1_555 O6 ? A DG 7  ? A DG 7  ? 1_555 70.4  ? 
3  O6 ? A DG 2  ? A DG 2  ? 1_555 K ? C K . ? A K 102 ? 1_555 O6 ? A DG 7  ? A DG 7  ? 1_555 93.4  ? 
4  O6 ? A DG 1  ? A DG 1  ? 1_555 K ? C K . ? A K 102 ? 1_555 O6 ? A DG 8  ? A DG 8  ? 1_555 128.5 ? 
5  O6 ? A DG 2  ? A DG 2  ? 1_555 K ? C K . ? A K 102 ? 1_555 O6 ? A DG 8  ? A DG 8  ? 1_555 75.9  ? 
6  O6 ? A DG 7  ? A DG 7  ? 1_555 K ? C K . ? A K 102 ? 1_555 O6 ? A DG 8  ? A DG 8  ? 1_555 77.8  ? 
7  O6 ? A DG 1  ? A DG 1  ? 1_555 K ? C K . ? A K 102 ? 1_555 O6 ? A DG 13 ? A DG 13 ? 1_555 109.8 ? 
8  O6 ? A DG 2  ? A DG 2  ? 1_555 K ? C K . ? A K 102 ? 1_555 O6 ? A DG 13 ? A DG 13 ? 1_555 154.1 ? 
9  O6 ? A DG 7  ? A DG 7  ? 1_555 K ? C K . ? A K 102 ? 1_555 O6 ? A DG 13 ? A DG 13 ? 1_555 62.7  ? 
10 O6 ? A DG 8  ? A DG 8  ? 1_555 K ? C K . ? A K 102 ? 1_555 O6 ? A DG 13 ? A DG 13 ? 1_555 88.7  ? 
11 O6 ? A DG 1  ? A DG 1  ? 1_555 K ? C K . ? A K 102 ? 1_555 O6 ? A DG 14 ? A DG 14 ? 1_555 157.3 ? 
12 O6 ? A DG 2  ? A DG 2  ? 1_555 K ? C K . ? A K 102 ? 1_555 O6 ? A DG 14 ? A DG 14 ? 1_555 114.6 ? 
13 O6 ? A DG 7  ? A DG 7  ? 1_555 K ? C K . ? A K 102 ? 1_555 O6 ? A DG 14 ? A DG 14 ? 1_555 130.3 ? 
14 O6 ? A DG 8  ? A DG 8  ? 1_555 K ? C K . ? A K 102 ? 1_555 O6 ? A DG 14 ? A DG 14 ? 1_555 71.2  ? 
15 O6 ? A DG 13 ? A DG 13 ? 1_555 K ? C K . ? A K 102 ? 1_555 O6 ? A DG 14 ? A DG 14 ? 1_555 78.6  ? 
16 O6 ? A DG 1  ? A DG 1  ? 1_555 K ? C K . ? A K 102 ? 1_555 O6 ? A DG 19 ? A DG 19 ? 1_555 79.0  ? 
17 O6 ? A DG 2  ? A DG 2  ? 1_555 K ? C K . ? A K 102 ? 1_555 O6 ? A DG 19 ? A DG 19 ? 1_555 134.1 ? 
18 O6 ? A DG 7  ? A DG 7  ? 1_555 K ? C K . ? A K 102 ? 1_555 O6 ? A DG 19 ? A DG 19 ? 1_555 103.7 ? 
19 O6 ? A DG 8  ? A DG 8  ? 1_555 K ? C K . ? A K 102 ? 1_555 O6 ? A DG 19 ? A DG 19 ? 1_555 149.0 ? 
20 O6 ? A DG 13 ? A DG 13 ? 1_555 K ? C K . ? A K 102 ? 1_555 O6 ? A DG 19 ? A DG 19 ? 1_555 65.9  ? 
21 O6 ? A DG 14 ? A DG 14 ? 1_555 K ? C K . ? A K 102 ? 1_555 O6 ? A DG 19 ? A DG 19 ? 1_555 85.9  ? 
22 O6 ? A DG 1  ? A DG 1  ? 1_555 K ? C K . ? A K 102 ? 1_555 O6 ? A DG 20 ? A DG 20 ? 1_555 85.6  ? 
23 O6 ? A DG 2  ? A DG 2  ? 1_555 K ? C K . ? A K 102 ? 1_555 O6 ? A DG 20 ? A DG 20 ? 1_555 69.1  ? 
24 O6 ? A DG 7  ? A DG 7  ? 1_555 K ? C K . ? A K 102 ? 1_555 O6 ? A DG 20 ? A DG 20 ? 1_555 154.7 ? 
25 O6 ? A DG 8  ? A DG 8  ? 1_555 K ? C K . ? A K 102 ? 1_555 O6 ? A DG 20 ? A DG 20 ? 1_555 113.5 ? 
26 O6 ? A DG 13 ? A DG 13 ? 1_555 K ? C K . ? A K 102 ? 1_555 O6 ? A DG 20 ? A DG 20 ? 1_555 136.7 ? 
27 O6 ? A DG 14 ? A DG 14 ? 1_555 K ? C K . ? A K 102 ? 1_555 O6 ? A DG 20 ? A DG 20 ? 1_555 74.8  ? 
28 O6 ? A DG 19 ? A DG 19 ? 1_555 K ? C K . ? A K 102 ? 1_555 O6 ? A DG 20 ? A DG 20 ? 1_555 78.6  ? 
29 O6 ? A DG 1  ? A DG 1  ? 1_555 K ? D K . ? A K 103 ? 1_555 O6 ? A DG 7  ? A DG 7  ? 1_555 65.5  ? 
30 O6 ? A DG 1  ? A DG 1  ? 1_555 K ? D K . ? A K 103 ? 1_555 O6 ? A DG 13 ? A DG 13 ? 1_555 112.6 ? 
31 O6 ? A DG 7  ? A DG 7  ? 1_555 K ? D K . ? A K 103 ? 1_555 O6 ? A DG 13 ? A DG 13 ? 1_555 73.0  ? 
32 O6 ? A DG 1  ? A DG 1  ? 1_555 K ? D K . ? A K 103 ? 1_555 O6 ? A DG 19 ? A DG 19 ? 1_555 72.5  ? 
33 O6 ? A DG 7  ? A DG 7  ? 1_555 K ? D K . ? A K 103 ? 1_555 O6 ? A DG 19 ? A DG 19 ? 1_555 108.6 ? 
34 O6 ? A DG 13 ? A DG 13 ? 1_555 K ? D K . ? A K 103 ? 1_555 O6 ? A DG 19 ? A DG 19 ? 1_555 73.7  ? 
35 O6 ? A DG 2  ? A DG 2  ? 1_555 K ? B K . ? A K 101 ? 1_555 O6 ? A DG 3  ? A DG 3  ? 1_555 68.3  ? 
36 O6 ? A DG 2  ? A DG 2  ? 1_555 K ? B K . ? A K 101 ? 1_555 O6 ? A DG 8  ? A DG 8  ? 1_555 71.9  ? 
37 O6 ? A DG 3  ? A DG 3  ? 1_555 K ? B K . ? A K 101 ? 1_555 O6 ? A DG 8  ? A DG 8  ? 1_555 91.8  ? 
38 O6 ? A DG 2  ? A DG 2  ? 1_555 K ? B K . ? A K 101 ? 1_555 O6 ? A DG 9  ? A DG 9  ? 1_555 127.6 ? 
39 O6 ? A DG 3  ? A DG 3  ? 1_555 K ? B K . ? A K 101 ? 1_555 O6 ? A DG 9  ? A DG 9  ? 1_555 79.6  ? 
40 O6 ? A DG 8  ? A DG 8  ? 1_555 K ? B K . ? A K 101 ? 1_555 O6 ? A DG 9  ? A DG 9  ? 1_555 68.8  ? 
41 O6 ? A DG 2  ? A DG 2  ? 1_555 K ? B K . ? A K 101 ? 1_555 O6 ? A DG 14 ? A DG 14 ? 1_555 104.5 ? 
42 O6 ? A DG 3  ? A DG 3  ? 1_555 K ? B K . ? A K 101 ? 1_555 O6 ? A DG 14 ? A DG 14 ? 1_555 155.9 ? 
43 O6 ? A DG 8  ? A DG 8  ? 1_555 K ? B K . ? A K 101 ? 1_555 O6 ? A DG 14 ? A DG 14 ? 1_555 64.3  ? 
44 O6 ? A DG 9  ? A DG 9  ? 1_555 K ? B K . ? A K 101 ? 1_555 O6 ? A DG 14 ? A DG 14 ? 1_555 88.4  ? 
45 O6 ? A DG 2  ? A DG 2  ? 1_555 K ? B K . ? A K 101 ? 1_555 O6 ? A DG 15 ? A DG 15 ? 1_555 151.5 ? 
46 O6 ? A DG 3  ? A DG 3  ? 1_555 K ? B K . ? A K 101 ? 1_555 O6 ? A DG 15 ? A DG 15 ? 1_555 135.7 ? 
47 O6 ? A DG 8  ? A DG 8  ? 1_555 K ? B K . ? A K 101 ? 1_555 O6 ? A DG 15 ? A DG 15 ? 1_555 114.8 ? 
48 O6 ? A DG 9  ? A DG 9  ? 1_555 K ? B K . ? A K 101 ? 1_555 O6 ? A DG 15 ? A DG 15 ? 1_555 78.4  ? 
49 O6 ? A DG 14 ? A DG 14 ? 1_555 K ? B K . ? A K 101 ? 1_555 O6 ? A DG 15 ? A DG 15 ? 1_555 60.0  ? 
50 O6 ? A DG 2  ? A DG 2  ? 1_555 K ? B K . ? A K 101 ? 1_555 O6 ? A DG 20 ? A DG 20 ? 1_555 64.9  ? 
51 O6 ? A DG 3  ? A DG 3  ? 1_555 K ? B K . ? A K 101 ? 1_555 O6 ? A DG 20 ? A DG 20 ? 1_555 124.3 ? 
52 O6 ? A DG 8  ? A DG 8  ? 1_555 K ? B K . ? A K 101 ? 1_555 O6 ? A DG 20 ? A DG 20 ? 1_555 100.6 ? 
53 O6 ? A DG 9  ? A DG 9  ? 1_555 K ? B K . ? A K 101 ? 1_555 O6 ? A DG 20 ? A DG 20 ? 1_555 155.0 ? 
54 O6 ? A DG 14 ? A DG 14 ? 1_555 K ? B K . ? A K 101 ? 1_555 O6 ? A DG 20 ? A DG 20 ? 1_555 66.8  ? 
55 O6 ? A DG 15 ? A DG 15 ? 1_555 K ? B K . ? A K 101 ? 1_555 O6 ? A DG 20 ? A DG 20 ? 1_555 86.6  ? 
56 O6 ? A DG 2  ? A DG 2  ? 1_555 K ? B K . ? A K 101 ? 1_555 O6 ? A DG 21 ? A DG 21 ? 1_555 91.1  ? 
57 O6 ? A DG 3  ? A DG 3  ? 1_555 K ? B K . ? A K 101 ? 1_555 O6 ? A DG 21 ? A DG 21 ? 1_555 81.0  ? 
58 O6 ? A DG 8  ? A DG 8  ? 1_555 K ? B K . ? A K 101 ? 1_555 O6 ? A DG 21 ? A DG 21 ? 1_555 163.0 ? 
59 O6 ? A DG 9  ? A DG 9  ? 1_555 K ? B K . ? A K 101 ? 1_555 O6 ? A DG 21 ? A DG 21 ? 1_555 124.1 ? 
60 O6 ? A DG 14 ? A DG 14 ? 1_555 K ? B K . ? A K 101 ? 1_555 O6 ? A DG 21 ? A DG 21 ? 1_555 122.8 ? 
61 O6 ? A DG 15 ? A DG 15 ? 1_555 K ? B K . ? A K 101 ? 1_555 O6 ? A DG 21 ? A DG 21 ? 1_555 80.4  ? 
62 O6 ? A DG 20 ? A DG 20 ? 1_555 K ? B K . ? A K 101 ? 1_555 O6 ? A DG 21 ? A DG 21 ? 1_555 71.7  ? 
# 
loop_
_pdbx_audit_revision_history.ordinal 
_pdbx_audit_revision_history.data_content_type 
_pdbx_audit_revision_history.major_revision 
_pdbx_audit_revision_history.minor_revision 
_pdbx_audit_revision_history.revision_date 
1 'Structure model' 1 0 2013-01-30 
2 'Structure model' 1 1 2013-04-03 
3 'Structure model' 1 2 2013-04-24 
4 'Structure model' 1 3 2023-09-13 
# 
_pdbx_audit_revision_details.ordinal             1 
_pdbx_audit_revision_details.revision_ordinal    1 
_pdbx_audit_revision_details.data_content_type   'Structure model' 
_pdbx_audit_revision_details.provider            repository 
_pdbx_audit_revision_details.type                'Initial release' 
_pdbx_audit_revision_details.description         ? 
_pdbx_audit_revision_details.details             ? 
# 
loop_
_pdbx_audit_revision_group.ordinal 
_pdbx_audit_revision_group.revision_ordinal 
_pdbx_audit_revision_group.data_content_type 
_pdbx_audit_revision_group.group 
1 2 'Structure model' 'Database references'    
2 3 'Structure model' 'Database references'    
3 4 'Structure model' 'Data collection'        
4 4 'Structure model' 'Database references'    
5 4 'Structure model' 'Derived calculations'   
6 4 'Structure model' 'Refinement description' 
# 
loop_
_pdbx_audit_revision_category.ordinal 
_pdbx_audit_revision_category.revision_ordinal 
_pdbx_audit_revision_category.data_content_type 
_pdbx_audit_revision_category.category 
1 4 'Structure model' chem_comp_atom                
2 4 'Structure model' chem_comp_bond                
3 4 'Structure model' database_2                    
4 4 'Structure model' pdbx_initial_refinement_model 
5 4 'Structure model' pdbx_struct_conn_angle        
6 4 'Structure model' struct_conn                   
7 4 'Structure model' struct_site                   
# 
loop_
_pdbx_audit_revision_item.ordinal 
_pdbx_audit_revision_item.revision_ordinal 
_pdbx_audit_revision_item.data_content_type 
_pdbx_audit_revision_item.item 
1  4 'Structure model' '_database_2.pdbx_DOI'                        
2  4 'Structure model' '_database_2.pdbx_database_accession'         
3  4 'Structure model' '_pdbx_struct_conn_angle.ptnr1_auth_seq_id'   
4  4 'Structure model' '_pdbx_struct_conn_angle.ptnr1_label_seq_id'  
5  4 'Structure model' '_pdbx_struct_conn_angle.ptnr2_auth_seq_id'   
6  4 'Structure model' '_pdbx_struct_conn_angle.ptnr2_label_asym_id' 
7  4 'Structure model' '_pdbx_struct_conn_angle.ptnr3_auth_seq_id'   
8  4 'Structure model' '_pdbx_struct_conn_angle.ptnr3_label_seq_id'  
9  4 'Structure model' '_pdbx_struct_conn_angle.value'               
10 4 'Structure model' '_struct_conn.pdbx_dist_value'                
11 4 'Structure model' '_struct_conn.ptnr1_auth_seq_id'              
12 4 'Structure model' '_struct_conn.ptnr1_label_seq_id'             
13 4 'Structure model' '_struct_conn.ptnr2_auth_seq_id'              
14 4 'Structure model' '_struct_conn.ptnr2_label_asym_id'            
15 4 'Structure model' '_struct_site.pdbx_auth_asym_id'              
16 4 'Structure model' '_struct_site.pdbx_auth_comp_id'              
17 4 'Structure model' '_struct_site.pdbx_auth_seq_id'               
# 
loop_
_software.name 
_software.classification 
_software.version 
_software.citation_id 
_software.pdbx_ordinal 
DNA    'data collection' .        ? 1 
PHASER phasing           .        ? 2 
REFMAC refinement        5.6.0117 ? 3 
xia2   'data reduction'  .        ? 4 
SCALA  'data scaling'    .        ? 5 
# 
loop_
_pdbx_validate_rmsd_angle.id 
_pdbx_validate_rmsd_angle.PDB_model_num 
_pdbx_validate_rmsd_angle.auth_atom_id_1 
_pdbx_validate_rmsd_angle.auth_asym_id_1 
_pdbx_validate_rmsd_angle.auth_comp_id_1 
_pdbx_validate_rmsd_angle.auth_seq_id_1 
_pdbx_validate_rmsd_angle.PDB_ins_code_1 
_pdbx_validate_rmsd_angle.label_alt_id_1 
_pdbx_validate_rmsd_angle.auth_atom_id_2 
_pdbx_validate_rmsd_angle.auth_asym_id_2 
_pdbx_validate_rmsd_angle.auth_comp_id_2 
_pdbx_validate_rmsd_angle.auth_seq_id_2 
_pdbx_validate_rmsd_angle.PDB_ins_code_2 
_pdbx_validate_rmsd_angle.label_alt_id_2 
_pdbx_validate_rmsd_angle.auth_atom_id_3 
_pdbx_validate_rmsd_angle.auth_asym_id_3 
_pdbx_validate_rmsd_angle.auth_comp_id_3 
_pdbx_validate_rmsd_angle.auth_seq_id_3 
_pdbx_validate_rmsd_angle.PDB_ins_code_3 
_pdbx_validate_rmsd_angle.label_alt_id_3 
_pdbx_validate_rmsd_angle.angle_value 
_pdbx_validate_rmsd_angle.angle_target_value 
_pdbx_validate_rmsd_angle.angle_deviation 
_pdbx_validate_rmsd_angle.angle_standard_deviation 
_pdbx_validate_rmsd_angle.linker_flag 
1 1 "C3'" A DG 8  ? ? "O3'" A DG 8  ? ? P A DG 9  ? ? 127.33 119.70 7.63  1.20 Y 
2 1 "C3'" A DT 10 ? ? "O3'" A DT 10 ? ? P A DT 11 ? ? 132.30 119.70 12.60 1.20 Y 
3 1 "C3'" A DT 17 ? ? "O3'" A DT 17 ? ? P A DA 18 ? ? 129.85 119.70 10.15 1.20 Y 
4 1 "C3'" A DA 18 ? ? "O3'" A DA 18 ? ? P A DG 19 ? ? 126.99 119.70 7.29  1.20 Y 
# 
loop_
_chem_comp_atom.comp_id 
_chem_comp_atom.atom_id 
_chem_comp_atom.type_symbol 
_chem_comp_atom.pdbx_aromatic_flag 
_chem_comp_atom.pdbx_stereo_config 
_chem_comp_atom.pdbx_ordinal 
0DX CAA    C N N 1   
0DX CAB    C N N 2   
0DX OAE    O N N 3   
0DX OAF    O N N 4   
0DX OAG    O N N 5   
0DX OAH    O N N 6   
0DX CAI    C Y N 7   
0DX CAJ    C Y N 8   
0DX CAK    C N N 9   
0DX CAL    C N N 10  
0DX CAM    C N N 11  
0DX CAN    C N N 12  
0DX CAO    C N N 13  
0DX CAP    C N N 14  
0DX CAQ    C N N 15  
0DX CAR    C N N 16  
0DX CAS    C N N 17  
0DX CAT    C N N 18  
0DX CAU    C N N 19  
0DX CAV    C N N 20  
0DX CAW    C N N 21  
0DX CAX    C N N 22  
0DX CAY    C N N 23  
0DX CAZ    C N N 24  
0DX CBA    C N N 25  
0DX CBB    C N N 26  
0DX CBC    C N N 27  
0DX CBD    C N N 28  
0DX CBE    C N N 29  
0DX CBF    C N N 30  
0DX CBG    C N N 31  
0DX CBH    C N N 32  
0DX CBI    C N N 33  
0DX CBJ    C N N 34  
0DX CBK    C N N 35  
0DX CBL    C N N 36  
0DX NBM    N N N 37  
0DX NBN    N N N 38  
0DX CBO    C Y N 39  
0DX CBP    C Y N 40  
0DX CBQ    C N N 41  
0DX CBR    C N N 42  
0DX CBS    C N N 43  
0DX CBT    C N N 44  
0DX CBU    C Y N 45  
0DX CBV    C Y N 46  
0DX CBW    C Y N 47  
0DX CBX    C Y N 48  
0DX CBY    C Y N 49  
0DX CBZ    C Y N 50  
0DX NCA    N N N 51  
0DX NCB    N N N 52  
0DX OCC    O N N 53  
0DX OCD    O N N 54  
0DX NCE    N N N 55  
0DX NCF    N N N 56  
0DX NCG    N N N 57  
0DX NCH    N N N 58  
0DX NCI    N N N 59  
0DX NCJ    N N N 60  
0DX HAA    H N N 61  
0DX HAAA   H N N 62  
0DX HAAB   H N N 63  
0DX HAB    H N N 64  
0DX HABA   H N N 65  
0DX HABB   H N N 66  
0DX HAI    H N N 67  
0DX HAJ    H N N 68  
0DX HAK    H N N 69  
0DX HAKA   H N N 70  
0DX HAL    H N N 71  
0DX HALA   H N N 72  
0DX HAM    H N N 73  
0DX HAMA   H N N 74  
0DX HAN    H N N 75  
0DX HANA   H N N 76  
0DX HAO    H N N 77  
0DX HAOA   H N N 78  
0DX HAP    H N N 79  
0DX HAPA   H N N 80  
0DX HAQ    H N N 81  
0DX HAQA   H N N 82  
0DX HAR    H N N 83  
0DX HARA   H N N 84  
0DX HAS    H N N 85  
0DX HASA   H N N 86  
0DX HAT    H N N 87  
0DX HATA   H N N 88  
0DX HAU    H N N 89  
0DX HAUA   H N N 90  
0DX HAV    H N N 91  
0DX HAVA   H N N 92  
0DX HAW    H N N 93  
0DX HAWA   H N N 94  
0DX HAX    H N N 95  
0DX HAXA   H N N 96  
0DX HAY    H N N 97  
0DX HAYA   H N N 98  
0DX HAZ    H N N 99  
0DX HAZA   H N N 100 
0DX HBA    H N N 101 
0DX HBAA   H N N 102 
0DX HBB    H N N 103 
0DX HBBA   H N N 104 
0DX HBC    H N N 105 
0DX HBCA   H N N 106 
0DX HBD    H N N 107 
0DX HBDA   H N N 108 
0DX HBE    H N N 109 
0DX HBEA   H N N 110 
0DX HBF    H N N 111 
0DX HBFA   H N N 112 
0DX HBG    H N N 113 
0DX HBGA   H N N 114 
0DX HBH    H N N 115 
0DX HBHA   H N N 116 
0DX HBI    H N N 117 
0DX HBIA   H N N 118 
0DX HBJ    H N N 119 
0DX HBJA   H N N 120 
0DX HBK    H N N 121 
0DX HBKA   H N N 122 
0DX HBL    H N N 123 
0DX HBLA   H N N 124 
0DX HNBM   H N N 125 
0DX HNBN   H N N 126 
DA  OP3    O N N 127 
DA  P      P N N 128 
DA  OP1    O N N 129 
DA  OP2    O N N 130 
DA  "O5'"  O N N 131 
DA  "C5'"  C N N 132 
DA  "C4'"  C N R 133 
DA  "O4'"  O N N 134 
DA  "C3'"  C N S 135 
DA  "O3'"  O N N 136 
DA  "C2'"  C N N 137 
DA  "C1'"  C N R 138 
DA  N9     N Y N 139 
DA  C8     C Y N 140 
DA  N7     N Y N 141 
DA  C5     C Y N 142 
DA  C6     C Y N 143 
DA  N6     N N N 144 
DA  N1     N Y N 145 
DA  C2     C Y N 146 
DA  N3     N Y N 147 
DA  C4     C Y N 148 
DA  HOP3   H N N 149 
DA  HOP2   H N N 150 
DA  "H5'"  H N N 151 
DA  "H5''" H N N 152 
DA  "H4'"  H N N 153 
DA  "H3'"  H N N 154 
DA  "HO3'" H N N 155 
DA  "H2'"  H N N 156 
DA  "H2''" H N N 157 
DA  "H1'"  H N N 158 
DA  H8     H N N 159 
DA  H61    H N N 160 
DA  H62    H N N 161 
DA  H2     H N N 162 
DG  OP3    O N N 163 
DG  P      P N N 164 
DG  OP1    O N N 165 
DG  OP2    O N N 166 
DG  "O5'"  O N N 167 
DG  "C5'"  C N N 168 
DG  "C4'"  C N R 169 
DG  "O4'"  O N N 170 
DG  "C3'"  C N S 171 
DG  "O3'"  O N N 172 
DG  "C2'"  C N N 173 
DG  "C1'"  C N R 174 
DG  N9     N Y N 175 
DG  C8     C Y N 176 
DG  N7     N Y N 177 
DG  C5     C Y N 178 
DG  C6     C N N 179 
DG  O6     O N N 180 
DG  N1     N N N 181 
DG  C2     C N N 182 
DG  N2     N N N 183 
DG  N3     N N N 184 
DG  C4     C Y N 185 
DG  HOP3   H N N 186 
DG  HOP2   H N N 187 
DG  "H5'"  H N N 188 
DG  "H5''" H N N 189 
DG  "H4'"  H N N 190 
DG  "H3'"  H N N 191 
DG  "HO3'" H N N 192 
DG  "H2'"  H N N 193 
DG  "H2''" H N N 194 
DG  "H1'"  H N N 195 
DG  H8     H N N 196 
DG  H1     H N N 197 
DG  H21    H N N 198 
DG  H22    H N N 199 
DT  OP3    O N N 200 
DT  P      P N N 201 
DT  OP1    O N N 202 
DT  OP2    O N N 203 
DT  "O5'"  O N N 204 
DT  "C5'"  C N N 205 
DT  "C4'"  C N R 206 
DT  "O4'"  O N N 207 
DT  "C3'"  C N S 208 
DT  "O3'"  O N N 209 
DT  "C2'"  C N N 210 
DT  "C1'"  C N R 211 
DT  N1     N N N 212 
DT  C2     C N N 213 
DT  O2     O N N 214 
DT  N3     N N N 215 
DT  C4     C N N 216 
DT  O4     O N N 217 
DT  C5     C N N 218 
DT  C7     C N N 219 
DT  C6     C N N 220 
DT  HOP3   H N N 221 
DT  HOP2   H N N 222 
DT  "H5'"  H N N 223 
DT  "H5''" H N N 224 
DT  "H4'"  H N N 225 
DT  "H3'"  H N N 226 
DT  "HO3'" H N N 227 
DT  "H2'"  H N N 228 
DT  "H2''" H N N 229 
DT  "H1'"  H N N 230 
DT  H3     H N N 231 
DT  H71    H N N 232 
DT  H72    H N N 233 
DT  H73    H N N 234 
DT  H6     H N N 235 
HOH O      O N N 236 
HOH H1     H N N 237 
HOH H2     H N N 238 
K   K      K N N 239 
# 
loop_
_chem_comp_bond.comp_id 
_chem_comp_bond.atom_id_1 
_chem_comp_bond.atom_id_2 
_chem_comp_bond.value_order 
_chem_comp_bond.pdbx_aromatic_flag 
_chem_comp_bond.pdbx_stereo_config 
_chem_comp_bond.pdbx_ordinal 
0DX NCA   CAA    sing N N 1   
0DX CAA   HAA    sing N N 2   
0DX CAA   HAAA   sing N N 3   
0DX CAA   HAAB   sing N N 4   
0DX CAB   NCB    sing N N 5   
0DX CAB   HAB    sing N N 6   
0DX CAB   HABA   sing N N 7   
0DX CAB   HABB   sing N N 8   
0DX OAE   CBQ    doub N N 9   
0DX CBR   OAF    doub N N 10  
0DX CBS   OAG    doub N N 11  
0DX OAH   CBT    doub N N 12  
0DX CBP   CAI    doub Y N 13  
0DX CAI   CBU    sing Y N 14  
0DX CAI   HAI    sing N N 15  
0DX CBV   CAJ    doub Y N 16  
0DX CAJ   CBO    sing Y N 17  
0DX CAJ   HAJ    sing N N 18  
0DX CAO   CAK    sing N N 19  
0DX CAK   CAQ    sing N N 20  
0DX CAK   HAK    sing N N 21  
0DX CAK   HAKA   sing N N 22  
0DX CAR   CAL    sing N N 23  
0DX CAL   CAP    sing N N 24  
0DX CAL   HAL    sing N N 25  
0DX CAL   HALA   sing N N 26  
0DX CBK   CAM    sing N N 27  
0DX CAM   CAS    sing N N 28  
0DX CAM   HAM    sing N N 29  
0DX CAM   HAMA   sing N N 30  
0DX CAN   CAT    sing N N 31  
0DX CAN   CBL    sing N N 32  
0DX CAN   HAN    sing N N 33  
0DX CAN   HANA   sing N N 34  
0DX NBM   CAO    sing N N 35  
0DX CAO   HAO    sing N N 36  
0DX CAO   HAOA   sing N N 37  
0DX CAP   NBN    sing N N 38  
0DX CAP   HAP    sing N N 39  
0DX CAP   HAPA   sing N N 40  
0DX CAQ   NCE    sing N N 41  
0DX CAQ   HAQ    sing N N 42  
0DX CAQ   HAQA   sing N N 43  
0DX NCF   CAR    sing N N 44  
0DX CAR   HAR    sing N N 45  
0DX CAR   HARA   sing N N 46  
0DX CAS   NCG    sing N N 47  
0DX CAS   HAS    sing N N 48  
0DX CAS   HASA   sing N N 49  
0DX NCH   CAT    sing N N 50  
0DX CAT   HAT    sing N N 51  
0DX CAT   HATA   sing N N 52  
0DX CBC   CAU    sing N N 53  
0DX CAU   NCA    sing N N 54  
0DX CAU   HAU    sing N N 55  
0DX CAU   HAUA   sing N N 56  
0DX CBD   CAV    sing N N 57  
0DX NCA   CAV    sing N N 58  
0DX CAV   HAV    sing N N 59  
0DX CAV   HAVA   sing N N 60  
0DX NCB   CAW    sing N N 61  
0DX CAW   CBE    sing N N 62  
0DX CAW   HAW    sing N N 63  
0DX CAW   HAWA   sing N N 64  
0DX CAX   NCB    sing N N 65  
0DX CAX   CBF    sing N N 66  
0DX CAX   HAX    sing N N 67  
0DX CAX   HAXA   sing N N 68  
0DX CBG   CAY    sing N N 69  
0DX CAY   OCC    sing N N 70  
0DX CAY   HAY    sing N N 71  
0DX CAY   HAYA   sing N N 72  
0DX CBH   CAZ    sing N N 73  
0DX CAZ   OCC    sing N N 74  
0DX CAZ   HAZ    sing N N 75  
0DX CAZ   HAZA   sing N N 76  
0DX CBA   CBI    sing N N 77  
0DX CBA   OCD    sing N N 78  
0DX CBA   HBA    sing N N 79  
0DX CBA   HBAA   sing N N 80  
0DX OCD   CBB    sing N N 81  
0DX CBB   CBJ    sing N N 82  
0DX CBB   HBB    sing N N 83  
0DX CBB   HBBA   sing N N 84  
0DX CBC   NCE    sing N N 85  
0DX CBC   HBC    sing N N 86  
0DX CBC   HBCA   sing N N 87  
0DX NCE   CBD    sing N N 88  
0DX CBD   HBD    sing N N 89  
0DX CBD   HBDA   sing N N 90  
0DX NCF   CBE    sing N N 91  
0DX CBE   HBE    sing N N 92  
0DX CBE   HBEA   sing N N 93  
0DX CBF   NCF    sing N N 94  
0DX CBF   HBF    sing N N 95  
0DX CBF   HBFA   sing N N 96  
0DX NCG   CBG    sing N N 97  
0DX CBG   HBG    sing N N 98  
0DX CBG   HBGA   sing N N 99  
0DX NCG   CBH    sing N N 100 
0DX CBH   HBH    sing N N 101 
0DX CBH   HBHA   sing N N 102 
0DX CBI   NCH    sing N N 103 
0DX CBI   HBI    sing N N 104 
0DX CBI   HBIA   sing N N 105 
0DX NCH   CBJ    sing N N 106 
0DX CBJ   HBJ    sing N N 107 
0DX CBJ   HBJA   sing N N 108 
0DX NCI   CBK    sing N N 109 
0DX CBK   HBK    sing N N 110 
0DX CBK   HBKA   sing N N 111 
0DX NCJ   CBL    sing N N 112 
0DX CBL   HBL    sing N N 113 
0DX CBL   HBLA   sing N N 114 
0DX CBO   NBM    sing N N 115 
0DX NBM   HNBM   sing N N 116 
0DX NBN   CBP    sing N N 117 
0DX NBN   HNBN   sing N N 118 
0DX CBW   CBO    doub Y N 119 
0DX CBP   CBX    sing Y N 120 
0DX CBU   CBQ    sing N N 121 
0DX CBQ   NCI    sing N N 122 
0DX NCJ   CBR    sing N N 123 
0DX CBR   CBV    sing N N 124 
0DX NCI   CBS    sing N N 125 
0DX CBW   CBS    sing N N 126 
0DX CBT   CBX    sing N N 127 
0DX CBT   NCJ    sing N N 128 
0DX CBU   CBY    doub Y N 129 
0DX CBZ   CBV    sing Y N 130 
0DX CBY   CBW    sing Y N 131 
0DX CBX   CBZ    doub Y N 132 
0DX CBZ   CBY    sing Y N 133 
DA  OP3   P      sing N N 134 
DA  OP3   HOP3   sing N N 135 
DA  P     OP1    doub N N 136 
DA  P     OP2    sing N N 137 
DA  P     "O5'"  sing N N 138 
DA  OP2   HOP2   sing N N 139 
DA  "O5'" "C5'"  sing N N 140 
DA  "C5'" "C4'"  sing N N 141 
DA  "C5'" "H5'"  sing N N 142 
DA  "C5'" "H5''" sing N N 143 
DA  "C4'" "O4'"  sing N N 144 
DA  "C4'" "C3'"  sing N N 145 
DA  "C4'" "H4'"  sing N N 146 
DA  "O4'" "C1'"  sing N N 147 
DA  "C3'" "O3'"  sing N N 148 
DA  "C3'" "C2'"  sing N N 149 
DA  "C3'" "H3'"  sing N N 150 
DA  "O3'" "HO3'" sing N N 151 
DA  "C2'" "C1'"  sing N N 152 
DA  "C2'" "H2'"  sing N N 153 
DA  "C2'" "H2''" sing N N 154 
DA  "C1'" N9     sing N N 155 
DA  "C1'" "H1'"  sing N N 156 
DA  N9    C8     sing Y N 157 
DA  N9    C4     sing Y N 158 
DA  C8    N7     doub Y N 159 
DA  C8    H8     sing N N 160 
DA  N7    C5     sing Y N 161 
DA  C5    C6     sing Y N 162 
DA  C5    C4     doub Y N 163 
DA  C6    N6     sing N N 164 
DA  C6    N1     doub Y N 165 
DA  N6    H61    sing N N 166 
DA  N6    H62    sing N N 167 
DA  N1    C2     sing Y N 168 
DA  C2    N3     doub Y N 169 
DA  C2    H2     sing N N 170 
DA  N3    C4     sing Y N 171 
DG  OP3   P      sing N N 172 
DG  OP3   HOP3   sing N N 173 
DG  P     OP1    doub N N 174 
DG  P     OP2    sing N N 175 
DG  P     "O5'"  sing N N 176 
DG  OP2   HOP2   sing N N 177 
DG  "O5'" "C5'"  sing N N 178 
DG  "C5'" "C4'"  sing N N 179 
DG  "C5'" "H5'"  sing N N 180 
DG  "C5'" "H5''" sing N N 181 
DG  "C4'" "O4'"  sing N N 182 
DG  "C4'" "C3'"  sing N N 183 
DG  "C4'" "H4'"  sing N N 184 
DG  "O4'" "C1'"  sing N N 185 
DG  "C3'" "O3'"  sing N N 186 
DG  "C3'" "C2'"  sing N N 187 
DG  "C3'" "H3'"  sing N N 188 
DG  "O3'" "HO3'" sing N N 189 
DG  "C2'" "C1'"  sing N N 190 
DG  "C2'" "H2'"  sing N N 191 
DG  "C2'" "H2''" sing N N 192 
DG  "C1'" N9     sing N N 193 
DG  "C1'" "H1'"  sing N N 194 
DG  N9    C8     sing Y N 195 
DG  N9    C4     sing Y N 196 
DG  C8    N7     doub Y N 197 
DG  C8    H8     sing N N 198 
DG  N7    C5     sing Y N 199 
DG  C5    C6     sing N N 200 
DG  C5    C4     doub Y N 201 
DG  C6    O6     doub N N 202 
DG  C6    N1     sing N N 203 
DG  N1    C2     sing N N 204 
DG  N1    H1     sing N N 205 
DG  C2    N2     sing N N 206 
DG  C2    N3     doub N N 207 
DG  N2    H21    sing N N 208 
DG  N2    H22    sing N N 209 
DG  N3    C4     sing N N 210 
DT  OP3   P      sing N N 211 
DT  OP3   HOP3   sing N N 212 
DT  P     OP1    doub N N 213 
DT  P     OP2    sing N N 214 
DT  P     "O5'"  sing N N 215 
DT  OP2   HOP2   sing N N 216 
DT  "O5'" "C5'"  sing N N 217 
DT  "C5'" "C4'"  sing N N 218 
DT  "C5'" "H5'"  sing N N 219 
DT  "C5'" "H5''" sing N N 220 
DT  "C4'" "O4'"  sing N N 221 
DT  "C4'" "C3'"  sing N N 222 
DT  "C4'" "H4'"  sing N N 223 
DT  "O4'" "C1'"  sing N N 224 
DT  "C3'" "O3'"  sing N N 225 
DT  "C3'" "C2'"  sing N N 226 
DT  "C3'" "H3'"  sing N N 227 
DT  "O3'" "HO3'" sing N N 228 
DT  "C2'" "C1'"  sing N N 229 
DT  "C2'" "H2'"  sing N N 230 
DT  "C2'" "H2''" sing N N 231 
DT  "C1'" N1     sing N N 232 
DT  "C1'" "H1'"  sing N N 233 
DT  N1    C2     sing N N 234 
DT  N1    C6     sing N N 235 
DT  C2    O2     doub N N 236 
DT  C2    N3     sing N N 237 
DT  N3    C4     sing N N 238 
DT  N3    H3     sing N N 239 
DT  C4    O4     doub N N 240 
DT  C4    C5     sing N N 241 
DT  C5    C7     sing N N 242 
DT  C5    C6     doub N N 243 
DT  C7    H71    sing N N 244 
DT  C7    H72    sing N N 245 
DT  C7    H73    sing N N 246 
DT  C6    H6     sing N N 247 
HOH O     H1     sing N N 248 
HOH O     H2     sing N N 249 
# 
_ndb_struct_conf_na.entry_id   4DA3 
_ndb_struct_conf_na.feature    'quadruple helix' 
# 
loop_
_pdbx_entity_nonpoly.entity_id 
_pdbx_entity_nonpoly.name 
_pdbx_entity_nonpoly.comp_id 
2 'POTASSIUM ION' K   
3 
;4,9-bis{[3-(4-methylpiperazin-1-yl)propyl]amino}-2,7-bis[3-(morpholin-4-yl)propyl]benzo[lmn][3,8]phenanthroline-1,3,6,8(2H,7H)-tetrone
;
0DX 
4 water HOH 
# 
_pdbx_initial_refinement_model.id               1 
_pdbx_initial_refinement_model.entity_id_list   ? 
_pdbx_initial_refinement_model.type             'experimental model' 
_pdbx_initial_refinement_model.source_name      PDB 
_pdbx_initial_refinement_model.accession_code   3SC8 
_pdbx_initial_refinement_model.details          'PDB ENTRY 3SC8' 
# 
